data_8G6R
#
_entry.id   8G6R
#
_cell.length_a   1.00
_cell.length_b   1.00
_cell.length_c   1.00
_cell.angle_alpha   90.00
_cell.angle_beta   90.00
_cell.angle_gamma   90.00
#
_symmetry.space_group_name_H-M   'P 1'
#
loop_
_entity.id
_entity.type
_entity.pdbx_description
1 polymer nsp12
2 polymer nsp8
3 polymer nsp7
4 polymer "RNA (5'-R(P*AP*AP*GP*AP*AP*GP*CP*UP*AP*UP*UP*AP*AP*AP*AP*UP*CP*AP*CP*A)-3')"
5 polymer "RNA (5'-R(P*GP*GP*UP*UP*GP*UP*GP*AP*UP*UP*UP*UP*AP*AP*UP*AP*GP*CP*UP*U)-3')"
6 non-polymer 'ZINC ION'
#
loop_
_entity_poly.entity_id
_entity_poly.type
_entity_poly.pdbx_seq_one_letter_code
_entity_poly.pdbx_strand_id
1 'polypeptide(L)'
;DMAYLNRVRGSSAARLEPCNGTDTQHVYRAFDIYNKDVACLGKFLKVNCVRLKNLDKHDAFYVVKRCTKSAMEHEQSIYS
RLEKCGAVAEHDFFTWKDGRAIYGNVCRKDLTEYTMMDLCYALRNFDENNCDVLKSILIKVGACEESYFNNKVWFDPVEN
EDIHRVYALLGTIVSRAMLKCVKFCDAMVEQGIVGVVTLDNQDLNGDFYDFGDFTCSIKGMGIPICTSYYSYMMPVMGMT
NCLASECFVKSDIFGEDFKSYDLLEYDFTEHKTALFNKYFKYWGLQYHPNCVDCSDEQCIVHCANFNTLFSTTIPITAFG
PLCRKCWIDGVPLVTTAGYHFKQLGIVWNNDLNLHSSRLSINELLQFCSDPALLIASSPALVDQRTVCFSVAALGTGMTN
QTVKPGHFNKEFYDFLLEQGFFSEGSELTLKHFFFAQKGDAAVKDFDYYRYNRPTVLDICQARVVYQIVQRYFDIYEGGC
ITAKEVVVTNLNKSAGYPLNKFGKAGLYYESLSYEEQDELYAYTKRNILPTMTQLNLKYAISGKERARTVGGVSLLSTMT
TRQYHQKHLKSIVNTRGASVVIGTTKFYGGWDNMLKNLIDGVENPCLMGWDYPKCDRALPNMIRMISAMILGSKHTTCCS
STDRFFRLCNELAQVLTEVVYSNGGFYLKPGGTTSGDATTAYANSVFNIFQAVSANVNKLLSVDSNVCHNLEVKQLQRKL
YECCYRSTTVDDQFVVEYYGYLRKHFSMMILSDDGVVCYNNDYASLGYVADLNAFKAVLYYQNNVFMSASKCWIEPDINK
GPHEFCSQHTMQIVDKDGTYYLPYPDPSRILSAGVFVDDVVKTDAVVLLERYVSLAIDAYPLSKHENPEYKKVFYVLLDW
VKHLYKTLNAGVLESFSVTLLEDSTAKFWDESFYANMYEKS
;
A
2 'polypeptide(L)'
;RKSKVVSAMHSLLFGMLRRLDMSSVDTILNLAKDGVVPLSVIPAVSATKLNIVTSDIDSYNRIQREGCVHYAGTIWNIID
IKDNDGKVVHVKEVTAQNAESLSWPLVLGCERIV
;
B
3 'polypeptide(L)' KLTDIKCSNVVLLGCLSSMNVSANSTEWAYCVDLHNKINLCNDPEKAQEMLLALLAFFLSKN C
4 'polyribonucleotide' AAGAAGCUAUUAAAAUCACA I
5 'polyribonucleotide' GGUUGUGAUUUUAAUAGCUU J
#
loop_
_chem_comp.id
_chem_comp.type
_chem_comp.name
_chem_comp.formula
A RNA linking ADENOSINE-5'-MONOPHOSPHATE 'C10 H14 N5 O7 P'
C RNA linking CYTIDINE-5'-MONOPHOSPHATE 'C9 H14 N3 O8 P'
G RNA linking GUANOSINE-5'-MONOPHOSPHATE 'C10 H14 N5 O8 P'
U RNA linking URIDINE-5'-MONOPHOSPHATE 'C9 H13 N2 O9 P'
ZN non-polymer 'ZINC ION' 'Zn 2'
#
# COMPACT_ATOMS: atom_id res chain seq x y z
N ASP A 1 12.39 -35.41 -42.81
CA ASP A 1 12.56 -34.71 -41.52
C ASP A 1 13.43 -35.50 -40.56
N MET A 2 13.12 -36.81 -40.44
CA MET A 2 13.84 -37.64 -39.48
C MET A 2 15.34 -37.58 -39.69
N ALA A 3 15.79 -37.44 -40.93
CA ALA A 3 17.21 -37.30 -41.19
C ALA A 3 17.79 -36.13 -40.41
N TYR A 4 17.14 -34.97 -40.48
CA TYR A 4 17.60 -33.80 -39.74
C TYR A 4 17.59 -34.08 -38.24
N LEU A 5 16.52 -34.73 -37.75
CA LEU A 5 16.45 -35.05 -36.33
C LEU A 5 17.55 -36.03 -35.91
N ASN A 6 17.99 -36.88 -36.83
CA ASN A 6 18.92 -37.93 -36.46
C ASN A 6 20.17 -37.37 -35.81
N ARG A 7 20.64 -36.21 -36.28
CA ARG A 7 21.83 -35.61 -35.70
C ARG A 7 21.62 -35.33 -34.21
N VAL A 8 20.48 -34.74 -33.86
CA VAL A 8 20.19 -34.46 -32.46
C VAL A 8 19.91 -35.76 -31.70
N ARG A 9 19.15 -36.67 -32.31
CA ARG A 9 18.68 -37.85 -31.60
C ARG A 9 19.83 -38.73 -31.13
N GLY A 10 20.94 -38.76 -31.87
CA GLY A 10 21.99 -39.72 -31.57
C GLY A 10 22.54 -39.57 -30.15
N SER A 11 22.85 -38.33 -29.76
CA SER A 11 23.37 -38.10 -28.42
C SER A 11 22.29 -38.15 -27.36
N SER A 12 21.06 -37.77 -27.71
CA SER A 12 19.96 -37.67 -26.75
C SER A 12 19.19 -38.97 -26.61
N ALA A 13 19.70 -40.08 -27.16
CA ALA A 13 19.05 -41.38 -27.13
C ALA A 13 17.76 -41.41 -27.93
N ALA A 14 17.51 -40.39 -28.77
CA ALA A 14 16.34 -40.36 -29.65
C ALA A 14 15.03 -40.31 -28.88
N ARG A 15 15.06 -39.92 -27.60
CA ARG A 15 13.85 -39.84 -26.79
C ARG A 15 13.24 -38.44 -26.89
N LEU A 16 12.94 -38.05 -28.13
CA LEU A 16 12.45 -36.72 -28.44
C LEU A 16 11.22 -36.80 -29.32
N GLU A 17 10.42 -35.74 -29.28
CA GLU A 17 9.26 -35.61 -30.14
C GLU A 17 9.26 -34.24 -30.80
N PRO A 18 8.90 -34.14 -32.08
CA PRO A 18 8.86 -32.84 -32.74
C PRO A 18 7.50 -32.17 -32.68
N CYS A 19 7.53 -30.84 -32.73
CA CYS A 19 6.33 -30.03 -32.78
C CYS A 19 6.09 -29.61 -34.22
N ASN A 20 5.05 -30.17 -34.85
CA ASN A 20 4.73 -29.88 -36.24
C ASN A 20 5.92 -30.15 -37.15
N GLY A 21 6.61 -31.26 -36.88
CA GLY A 21 7.76 -31.62 -37.69
C GLY A 21 8.95 -30.70 -37.42
N THR A 22 9.88 -30.70 -38.37
CA THR A 22 11.08 -29.89 -38.27
C THR A 22 10.81 -28.40 -38.41
N ASP A 23 9.60 -28.01 -38.79
CA ASP A 23 9.29 -26.61 -38.98
C ASP A 23 9.43 -25.84 -37.66
N THR A 24 10.03 -24.66 -37.74
CA THR A 24 10.16 -23.82 -36.56
C THR A 24 8.78 -23.43 -36.05
N GLN A 25 8.61 -23.46 -34.73
CA GLN A 25 7.33 -23.15 -34.12
C GLN A 25 7.07 -21.65 -34.18
N HIS A 26 5.85 -21.27 -34.59
CA HIS A 26 5.44 -19.87 -34.61
C HIS A 26 4.90 -19.53 -33.24
N VAL A 27 5.77 -19.01 -32.37
CA VAL A 27 5.40 -18.72 -31.00
C VAL A 27 5.98 -17.38 -30.60
N TYR A 28 5.17 -16.56 -29.96
CA TYR A 28 5.59 -15.27 -29.45
C TYR A 28 6.40 -15.48 -28.18
N ARG A 29 7.45 -14.68 -28.00
CA ARG A 29 8.33 -14.84 -26.87
C ARG A 29 8.78 -13.46 -26.40
N ALA A 30 8.86 -13.29 -25.09
CA ALA A 30 9.36 -12.04 -24.53
C ALA A 30 10.84 -11.88 -24.87
N PHE A 31 11.27 -10.63 -24.97
CA PHE A 31 12.65 -10.33 -25.26
C PHE A 31 13.04 -8.98 -24.66
N ASP A 32 14.34 -8.79 -24.49
CA ASP A 32 14.91 -7.52 -24.08
C ASP A 32 16.05 -7.25 -25.05
N ILE A 33 15.73 -6.65 -26.19
CA ILE A 33 16.70 -6.43 -27.25
C ILE A 33 16.93 -4.93 -27.38
N TYR A 34 18.18 -4.52 -27.20
CA TYR A 34 18.60 -3.15 -27.47
C TYR A 34 19.44 -3.16 -28.73
N ASN A 35 19.01 -2.38 -29.72
CA ASN A 35 19.60 -2.48 -31.05
C ASN A 35 19.36 -1.17 -31.77
N LYS A 36 20.11 -0.97 -32.86
CA LYS A 36 19.97 0.26 -33.62
C LYS A 36 18.53 0.48 -34.06
N ASP A 37 17.89 -0.56 -34.57
CA ASP A 37 16.52 -0.45 -35.05
C ASP A 37 15.50 -0.59 -33.93
N VAL A 38 15.78 -1.37 -32.89
CA VAL A 38 14.81 -1.67 -31.86
C VAL A 38 15.45 -1.50 -30.49
N ALA A 39 14.67 -1.00 -29.54
CA ALA A 39 15.08 -0.95 -28.14
C ALA A 39 13.80 -1.13 -27.32
N CYS A 40 13.51 -2.38 -26.98
CA CYS A 40 12.20 -2.74 -26.48
C CYS A 40 12.33 -3.82 -25.40
N LEU A 41 11.28 -3.95 -24.60
CA LEU A 41 11.15 -5.05 -23.65
C LEU A 41 9.90 -5.87 -23.91
N GLY A 42 9.21 -5.63 -25.02
CA GLY A 42 8.03 -6.39 -25.36
C GLY A 42 8.39 -7.67 -26.06
N LYS A 43 7.36 -8.43 -26.42
CA LYS A 43 7.56 -9.73 -27.03
C LYS A 43 7.42 -9.63 -28.54
N PHE A 44 8.06 -10.56 -29.23
CA PHE A 44 8.12 -10.58 -30.69
C PHE A 44 7.79 -11.98 -31.18
N LEU A 45 7.88 -12.15 -32.49
CA LEU A 45 7.74 -13.46 -33.12
C LEU A 45 9.06 -13.83 -33.77
N LYS A 46 9.61 -14.98 -33.38
CA LYS A 46 10.82 -15.51 -34.00
C LYS A 46 10.55 -16.94 -34.47
N VAL A 47 10.89 -17.22 -35.72
CA VAL A 47 10.62 -18.52 -36.32
C VAL A 47 11.90 -19.09 -36.90
N ASN A 48 13.04 -18.68 -36.35
CA ASN A 48 14.33 -19.15 -36.81
C ASN A 48 14.89 -20.28 -35.94
N CYS A 49 14.07 -20.86 -35.08
CA CYS A 49 14.51 -21.93 -34.19
C CYS A 49 13.44 -23.02 -34.14
N VAL A 50 13.88 -24.27 -34.15
CA VAL A 50 13.00 -25.41 -34.05
C VAL A 50 13.01 -25.91 -32.62
N ARG A 51 11.84 -26.35 -32.13
CA ARG A 51 11.67 -26.77 -30.75
C ARG A 51 11.24 -28.23 -30.73
N LEU A 52 11.99 -29.06 -30.00
CA LEU A 52 11.71 -30.48 -29.86
C LEU A 52 11.49 -30.77 -28.37
N LYS A 53 10.37 -31.43 -28.07
CA LYS A 53 10.05 -31.75 -26.69
C LYS A 53 10.80 -32.99 -26.25
N ASN A 54 11.61 -32.86 -25.20
CA ASN A 54 12.30 -34.01 -24.64
C ASN A 54 11.30 -34.86 -23.87
N LEU A 55 11.02 -36.06 -24.38
CA LEU A 55 10.04 -36.93 -23.77
C LEU A 55 10.51 -37.54 -22.46
N ASP A 56 11.80 -37.39 -22.13
CA ASP A 56 12.30 -37.93 -20.87
C ASP A 56 11.84 -37.10 -19.69
N LYS A 57 12.27 -35.84 -19.63
CA LYS A 57 11.83 -34.95 -18.56
C LYS A 57 10.44 -34.41 -18.87
N HIS A 58 9.70 -34.11 -17.80
CA HIS A 58 8.32 -33.65 -17.97
C HIS A 58 8.24 -32.30 -18.67
N ASP A 59 9.32 -31.52 -18.67
CA ASP A 59 9.29 -30.17 -19.21
C ASP A 59 10.44 -29.85 -20.15
N ALA A 60 11.54 -30.59 -20.10
CA ALA A 60 12.72 -30.23 -20.87
C ALA A 60 12.40 -30.18 -22.37
N PHE A 61 13.02 -29.24 -23.07
CA PHE A 61 12.84 -29.07 -24.50
C PHE A 61 14.19 -28.97 -25.18
N TYR A 62 14.26 -29.46 -26.40
CA TYR A 62 15.44 -29.33 -27.25
C TYR A 62 15.14 -28.26 -28.30
N VAL A 63 15.96 -27.20 -28.33
CA VAL A 63 15.79 -26.09 -29.26
C VAL A 63 17.07 -25.94 -30.05
N VAL A 64 16.94 -25.80 -31.37
CA VAL A 64 18.07 -25.67 -32.28
C VAL A 64 17.86 -24.43 -33.12
N LYS A 65 18.91 -23.62 -33.24
CA LYS A 65 18.90 -22.41 -34.05
C LYS A 65 19.62 -22.71 -35.36
N ARG A 66 18.87 -22.75 -36.45
CA ARG A 66 19.42 -23.08 -37.76
C ARG A 66 19.69 -21.80 -38.55
N CYS A 67 20.71 -21.07 -38.12
CA CYS A 67 21.02 -19.79 -38.74
C CYS A 67 22.47 -19.42 -38.44
N THR A 68 22.96 -18.44 -39.20
CA THR A 68 24.26 -17.82 -38.95
C THR A 68 25.40 -18.83 -39.06
N LYS A 69 25.48 -19.46 -40.24
CA LYS A 69 26.59 -20.37 -40.50
C LYS A 69 27.92 -19.70 -40.22
N SER A 70 28.05 -18.44 -40.61
CA SER A 70 29.30 -17.71 -40.37
C SER A 70 29.52 -17.44 -38.90
N ALA A 71 28.47 -17.51 -38.09
CA ALA A 71 28.59 -17.28 -36.66
C ALA A 71 28.91 -18.54 -35.87
N MET A 72 28.94 -19.69 -36.53
CA MET A 72 29.16 -20.94 -35.80
C MET A 72 30.47 -20.90 -35.04
N GLU A 73 31.54 -20.46 -35.70
CA GLU A 73 32.85 -20.41 -35.05
C GLU A 73 32.84 -19.42 -33.89
N HIS A 74 32.18 -18.27 -34.07
CA HIS A 74 32.05 -17.33 -32.97
C HIS A 74 31.29 -17.97 -31.81
N GLU A 75 30.12 -18.53 -32.11
CA GLU A 75 29.32 -19.20 -31.09
C GLU A 75 30.08 -20.38 -30.50
N GLN A 76 30.75 -21.16 -31.34
CA GLN A 76 31.48 -22.32 -30.85
C GLN A 76 32.58 -21.91 -29.89
N SER A 77 33.36 -20.89 -30.25
CA SER A 77 34.44 -20.44 -29.39
C SER A 77 33.91 -19.89 -28.08
N ILE A 78 32.84 -19.09 -28.14
CA ILE A 78 32.28 -18.54 -26.91
C ILE A 78 31.78 -19.66 -26.01
N TYR A 79 31.08 -20.64 -26.59
CA TYR A 79 30.57 -21.74 -25.80
C TYR A 79 31.70 -22.54 -25.18
N SER A 80 32.78 -22.76 -25.94
CA SER A 80 33.94 -23.46 -25.39
C SER A 80 34.53 -22.69 -24.23
N ARG A 81 34.64 -21.37 -24.36
CA ARG A 81 35.20 -20.56 -23.28
C ARG A 81 34.31 -20.63 -22.05
N LEU A 82 32.99 -20.62 -22.24
CA LEU A 82 32.05 -20.52 -21.14
C LEU A 82 31.52 -21.86 -20.66
N GLU A 83 31.66 -22.93 -21.43
CA GLU A 83 31.07 -24.21 -21.04
C GLU A 83 31.59 -24.71 -19.69
N LYS A 84 32.82 -24.33 -19.32
CA LYS A 84 33.40 -24.89 -18.10
C LYS A 84 32.59 -24.52 -16.87
N CYS A 85 32.01 -23.32 -16.84
CA CYS A 85 31.18 -22.95 -15.71
C CYS A 85 29.88 -23.75 -15.73
N GLY A 86 29.22 -23.81 -14.58
CA GLY A 86 28.04 -24.61 -14.40
C GLY A 86 26.72 -23.91 -14.68
N ALA A 87 26.75 -22.72 -15.27
CA ALA A 87 25.54 -21.94 -15.51
C ALA A 87 25.17 -21.86 -16.98
N VAL A 88 25.79 -22.67 -17.83
CA VAL A 88 25.59 -22.61 -19.28
C VAL A 88 24.96 -23.92 -19.74
N ALA A 89 23.88 -23.83 -20.49
CA ALA A 89 23.21 -25.02 -20.99
C ALA A 89 24.07 -25.70 -22.04
N GLU A 90 23.78 -26.97 -22.28
CA GLU A 90 24.54 -27.74 -23.25
C GLU A 90 24.21 -27.31 -24.67
N HIS A 91 25.25 -27.21 -25.51
CA HIS A 91 25.09 -26.86 -26.91
C HIS A 91 25.73 -27.93 -27.79
N ASP A 92 25.15 -28.10 -28.97
CA ASP A 92 25.74 -28.91 -30.02
C ASP A 92 25.84 -28.07 -31.29
N PHE A 93 26.96 -28.21 -31.99
CA PHE A 93 27.23 -27.42 -33.18
C PHE A 93 27.45 -28.36 -34.37
N PHE A 94 26.82 -28.05 -35.48
CA PHE A 94 26.97 -28.85 -36.69
C PHE A 94 26.34 -28.10 -37.85
N THR A 95 26.61 -28.57 -39.05
CA THR A 95 26.03 -28.02 -40.27
C THR A 95 25.24 -29.12 -40.98
N TRP A 96 24.14 -28.74 -41.61
CA TRP A 96 23.26 -29.69 -42.26
C TRP A 96 22.94 -29.21 -43.67
N LYS A 97 22.80 -30.17 -44.58
CA LYS A 97 22.57 -29.86 -45.98
C LYS A 97 21.10 -29.52 -46.21
N ASP A 98 20.86 -28.54 -47.07
CA ASP A 98 19.51 -28.15 -47.42
C ASP A 98 19.56 -27.32 -48.70
N GLY A 99 18.77 -27.73 -49.70
CA GLY A 99 18.78 -27.01 -50.95
C GLY A 99 20.16 -27.02 -51.58
N ARG A 100 20.62 -25.84 -52.01
CA ARG A 100 21.88 -25.71 -52.72
C ARG A 100 23.06 -25.41 -51.80
N ALA A 101 22.83 -25.22 -50.50
CA ALA A 101 23.91 -24.84 -49.60
C ALA A 101 23.62 -25.35 -48.20
N ILE A 102 24.67 -25.43 -47.39
CA ILE A 102 24.56 -25.86 -46.01
C ILE A 102 24.40 -24.64 -45.12
N TYR A 103 23.78 -24.86 -43.96
CA TYR A 103 23.65 -23.81 -42.94
C TYR A 103 24.01 -24.41 -41.59
N GLY A 104 24.55 -23.55 -40.72
CA GLY A 104 24.94 -23.99 -39.41
C GLY A 104 23.76 -24.30 -38.51
N ASN A 105 23.99 -25.17 -37.55
CA ASN A 105 22.98 -25.54 -36.57
C ASN A 105 23.58 -25.51 -35.18
N VAL A 106 22.93 -24.80 -34.27
CA VAL A 106 23.30 -24.79 -32.86
C VAL A 106 22.11 -25.37 -32.11
N CYS A 107 22.30 -26.54 -31.50
CA CYS A 107 21.25 -27.22 -30.77
C CYS A 107 21.50 -27.07 -29.27
N ARG A 108 20.51 -26.54 -28.57
CA ARG A 108 20.56 -26.38 -27.12
C ARG A 108 19.72 -27.48 -26.49
N LYS A 109 20.29 -28.15 -25.49
CA LYS A 109 19.67 -29.32 -24.91
C LYS A 109 18.95 -28.97 -23.62
N ASP A 110 17.95 -29.80 -23.29
CA ASP A 110 17.25 -29.78 -22.01
C ASP A 110 16.89 -28.38 -21.55
N LEU A 111 16.61 -27.48 -22.48
CA LEU A 111 16.14 -26.15 -22.11
C LEU A 111 14.66 -26.20 -21.78
N THR A 112 14.27 -25.39 -20.80
CA THR A 112 12.87 -25.33 -20.40
C THR A 112 12.06 -24.54 -21.41
N GLU A 113 10.74 -24.68 -21.32
CA GLU A 113 9.86 -24.08 -22.33
C GLU A 113 9.98 -22.57 -22.34
N TYR A 114 9.98 -21.95 -21.17
CA TYR A 114 9.84 -20.51 -21.06
C TYR A 114 11.08 -19.90 -20.43
N THR A 115 11.55 -18.80 -21.00
CA THR A 115 12.73 -18.13 -20.50
C THR A 115 12.36 -17.27 -19.30
N MET A 116 13.36 -17.03 -18.45
CA MET A 116 13.12 -16.23 -17.24
C MET A 116 12.47 -14.91 -17.59
N MET A 117 12.87 -14.30 -18.72
CA MET A 117 12.16 -13.13 -19.22
C MET A 117 10.68 -13.41 -19.34
N ASP A 118 10.34 -14.54 -19.99
CA ASP A 118 8.95 -14.85 -20.23
C ASP A 118 8.16 -14.92 -18.92
N LEU A 119 8.84 -15.20 -17.81
CA LEU A 119 8.18 -15.11 -16.52
C LEU A 119 8.10 -13.66 -16.06
N CYS A 120 9.25 -13.01 -15.89
CA CYS A 120 9.27 -11.65 -15.37
C CYS A 120 8.33 -10.76 -16.15
N TYR A 121 8.28 -10.93 -17.47
CA TYR A 121 7.33 -10.16 -18.26
C TYR A 121 5.91 -10.57 -17.95
N ALA A 122 5.63 -11.88 -17.93
CA ALA A 122 4.26 -12.32 -17.75
C ALA A 122 3.72 -11.88 -16.39
N LEU A 123 4.55 -11.96 -15.35
CA LEU A 123 4.08 -11.53 -14.04
C LEU A 123 3.77 -10.04 -14.03
N ARG A 124 4.65 -9.24 -14.60
CA ARG A 124 4.24 -7.89 -14.97
C ARG A 124 3.29 -7.98 -16.17
N ASN A 125 2.78 -6.85 -16.60
CA ASN A 125 1.84 -6.85 -17.73
C ASN A 125 0.72 -7.86 -17.51
N PHE A 126 0.38 -8.11 -16.26
CA PHE A 126 -0.62 -9.12 -15.94
C PHE A 126 -2.00 -8.63 -16.35
N ASP A 127 -2.90 -9.58 -16.61
CA ASP A 127 -4.28 -9.24 -16.88
C ASP A 127 -5.15 -10.46 -16.63
N GLU A 128 -6.46 -10.21 -16.46
CA GLU A 128 -7.38 -11.30 -16.13
C GLU A 128 -7.35 -12.36 -17.21
N ASN A 129 -7.55 -11.96 -18.46
CA ASN A 129 -7.53 -12.87 -19.58
C ASN A 129 -6.19 -12.80 -20.28
N ASN A 130 -6.04 -13.63 -21.31
CA ASN A 130 -4.76 -13.76 -22.00
C ASN A 130 -3.63 -14.09 -21.05
N CYS A 131 -3.95 -14.70 -19.91
CA CYS A 131 -2.97 -15.04 -18.90
C CYS A 131 -2.45 -16.46 -19.04
N ASP A 132 -2.44 -17.00 -20.26
CA ASP A 132 -2.10 -18.41 -20.44
C ASP A 132 -0.68 -18.70 -19.98
N VAL A 133 0.27 -17.82 -20.32
CA VAL A 133 1.67 -18.11 -20.05
C VAL A 133 1.91 -18.24 -18.55
N LEU A 134 1.32 -17.36 -17.76
CA LEU A 134 1.53 -17.44 -16.32
C LEU A 134 0.98 -18.74 -15.76
N LYS A 135 -0.21 -19.15 -16.21
CA LYS A 135 -0.76 -20.42 -15.76
C LYS A 135 0.18 -21.57 -16.12
N SER A 136 0.65 -21.58 -17.35
CA SER A 136 1.51 -22.68 -17.79
C SER A 136 2.78 -22.73 -16.96
N ILE A 137 3.37 -21.57 -16.70
CA ILE A 137 4.59 -21.55 -15.90
C ILE A 137 4.32 -22.04 -14.48
N LEU A 138 3.20 -21.60 -13.90
CA LEU A 138 2.89 -22.04 -12.55
C LEU A 138 2.72 -23.55 -12.50
N ILE A 139 2.04 -24.13 -13.48
CA ILE A 139 1.87 -25.58 -13.50
C ILE A 139 3.22 -26.26 -13.67
N LYS A 140 4.01 -25.83 -14.63
CA LYS A 140 5.28 -26.49 -14.91
C LYS A 140 6.20 -26.45 -13.71
N VAL A 141 6.32 -25.29 -13.06
CA VAL A 141 7.12 -25.20 -11.85
C VAL A 141 6.53 -26.00 -10.71
N GLY A 142 5.30 -26.47 -10.86
CA GLY A 142 4.67 -27.24 -9.81
C GLY A 142 4.14 -26.42 -8.66
N ALA A 143 3.97 -25.12 -8.85
CA ALA A 143 3.43 -24.30 -7.79
C ALA A 143 2.02 -24.74 -7.43
N CYS A 144 1.20 -25.07 -8.42
CA CYS A 144 -0.15 -25.54 -8.16
C CYS A 144 -0.67 -26.26 -9.39
N GLU A 145 -1.40 -27.35 -9.15
CA GLU A 145 -2.03 -28.07 -10.25
C GLU A 145 -3.13 -27.22 -10.87
N GLU A 146 -3.48 -27.57 -12.11
CA GLU A 146 -4.40 -26.73 -12.88
C GLU A 146 -5.73 -26.54 -12.16
N SER A 147 -6.12 -27.50 -11.31
CA SER A 147 -7.38 -27.35 -10.59
C SER A 147 -7.39 -26.07 -9.76
N TYR A 148 -6.21 -25.57 -9.38
CA TYR A 148 -6.16 -24.35 -8.60
C TYR A 148 -6.80 -23.18 -9.33
N PHE A 149 -6.92 -23.24 -10.64
CA PHE A 149 -7.46 -22.13 -11.42
C PHE A 149 -8.96 -22.22 -11.62
N ASN A 150 -9.63 -23.19 -10.99
CA ASN A 150 -11.08 -23.17 -10.99
C ASN A 150 -11.63 -21.98 -10.22
N ASN A 151 -10.88 -21.52 -9.22
CA ASN A 151 -11.27 -20.36 -8.43
C ASN A 151 -11.05 -19.11 -9.27
N LYS A 152 -12.12 -18.61 -9.90
CA LYS A 152 -11.98 -17.59 -10.92
C LYS A 152 -11.31 -16.34 -10.40
N VAL A 153 -11.31 -16.12 -9.09
CA VAL A 153 -10.62 -14.99 -8.49
C VAL A 153 -9.28 -15.40 -7.90
N TRP A 154 -8.70 -16.50 -8.38
CA TRP A 154 -7.49 -17.03 -7.77
C TRP A 154 -6.37 -15.98 -7.72
N PHE A 155 -6.24 -15.19 -8.77
CA PHE A 155 -5.11 -14.26 -8.86
C PHE A 155 -5.24 -13.05 -7.95
N ASP A 156 -6.43 -12.76 -7.47
CA ASP A 156 -6.63 -11.54 -6.69
C ASP A 156 -5.86 -11.61 -5.38
N PRO A 157 -4.91 -10.70 -5.14
CA PRO A 157 -4.17 -10.75 -3.86
C PRO A 157 -5.00 -10.45 -2.64
N VAL A 158 -6.09 -9.69 -2.75
CA VAL A 158 -6.89 -9.37 -1.58
C VAL A 158 -8.04 -10.34 -1.36
N GLU A 159 -8.42 -11.11 -2.39
CA GLU A 159 -9.44 -12.12 -2.23
C GLU A 159 -8.86 -13.52 -2.02
N ASN A 160 -7.63 -13.77 -2.48
CA ASN A 160 -6.94 -15.04 -2.25
C ASN A 160 -5.58 -14.71 -1.65
N GLU A 161 -5.53 -14.54 -0.33
CA GLU A 161 -4.24 -14.42 0.32
C GLU A 161 -3.43 -15.68 0.15
N ASP A 162 -4.08 -16.78 -0.24
CA ASP A 162 -3.34 -17.98 -0.60
C ASP A 162 -2.46 -17.79 -1.83
N ILE A 163 -2.74 -16.78 -2.66
CA ILE A 163 -1.92 -16.59 -3.85
C ILE A 163 -0.48 -16.34 -3.45
N HIS A 164 -0.26 -15.50 -2.44
CA HIS A 164 1.10 -15.23 -2.00
C HIS A 164 1.83 -16.52 -1.66
N ARG A 165 1.11 -17.52 -1.14
CA ARG A 165 1.74 -18.82 -0.95
C ARG A 165 2.17 -19.42 -2.27
N VAL A 166 1.33 -19.31 -3.30
CA VAL A 166 1.68 -19.87 -4.60
C VAL A 166 2.94 -19.18 -5.12
N TYR A 167 2.97 -17.86 -5.07
CA TYR A 167 4.11 -17.13 -5.58
C TYR A 167 5.37 -17.44 -4.78
N ALA A 168 5.24 -17.57 -3.46
CA ALA A 168 6.42 -17.83 -2.65
C ALA A 168 7.16 -19.06 -3.14
N LEU A 169 6.44 -20.00 -3.75
CA LEU A 169 7.11 -21.16 -4.34
C LEU A 169 8.05 -20.73 -5.46
N LEU A 170 7.63 -19.78 -6.28
CA LEU A 170 8.52 -19.29 -7.32
C LEU A 170 9.75 -18.61 -6.76
N GLY A 171 9.71 -18.23 -5.48
CA GLY A 171 10.86 -17.56 -4.89
C GLY A 171 12.14 -18.35 -5.05
N THR A 172 12.04 -19.68 -4.98
CA THR A 172 13.23 -20.50 -5.18
C THR A 172 13.79 -20.32 -6.58
N ILE A 173 12.91 -20.28 -7.58
CA ILE A 173 13.37 -20.15 -8.96
C ILE A 173 14.13 -18.84 -9.14
N VAL A 174 13.58 -17.75 -8.61
CA VAL A 174 14.22 -16.45 -8.79
C VAL A 174 15.58 -16.41 -8.11
N SER A 175 15.65 -16.92 -6.88
CA SER A 175 16.92 -16.92 -6.17
C SER A 175 17.95 -17.76 -6.88
N ARG A 176 17.55 -18.95 -7.35
CA ARG A 176 18.47 -19.78 -8.11
C ARG A 176 18.94 -19.05 -9.35
N ALA A 177 18.03 -18.36 -10.03
CA ALA A 177 18.41 -17.65 -11.24
C ALA A 177 19.43 -16.57 -10.94
N MET A 178 19.23 -15.81 -9.86
CA MET A 178 20.21 -14.78 -9.53
C MET A 178 21.55 -15.39 -9.22
N LEU A 179 21.57 -16.49 -8.45
CA LEU A 179 22.85 -17.10 -8.14
C LEU A 179 23.55 -17.57 -9.40
N LYS A 180 22.81 -18.19 -10.31
CA LYS A 180 23.41 -18.63 -11.56
C LYS A 180 23.91 -17.43 -12.35
N CYS A 181 23.19 -16.32 -12.32
CA CYS A 181 23.65 -15.13 -13.03
C CYS A 181 24.94 -14.61 -12.44
N VAL A 182 25.05 -14.63 -11.12
CA VAL A 182 26.30 -14.19 -10.50
C VAL A 182 27.45 -15.06 -10.97
N LYS A 183 27.24 -16.38 -10.94
CA LYS A 183 28.28 -17.28 -11.40
C LYS A 183 28.63 -17.03 -12.87
N PHE A 184 27.60 -16.80 -13.69
CA PHE A 184 27.82 -16.60 -15.12
C PHE A 184 28.57 -15.30 -15.39
N CYS A 185 28.24 -14.24 -14.67
CA CYS A 185 28.98 -12.99 -14.81
C CYS A 185 30.43 -13.17 -14.40
N ASP A 186 30.65 -13.91 -13.31
CA ASP A 186 32.03 -14.18 -12.90
C ASP A 186 32.78 -14.94 -13.98
N ALA A 187 32.12 -15.94 -14.58
CA ALA A 187 32.76 -16.70 -15.64
C ALA A 187 33.08 -15.82 -16.84
N MET A 188 32.15 -14.94 -17.22
CA MET A 188 32.42 -14.04 -18.33
C MET A 188 33.60 -13.13 -18.03
N VAL A 189 33.67 -12.63 -16.79
CA VAL A 189 34.80 -11.78 -16.42
C VAL A 189 36.10 -12.54 -16.56
N GLU A 190 36.15 -13.76 -16.03
CA GLU A 190 37.39 -14.52 -16.04
C GLU A 190 37.80 -14.88 -17.47
N GLN A 191 36.86 -15.42 -18.26
CA GLN A 191 37.17 -15.85 -19.61
C GLN A 191 37.44 -14.69 -20.55
N GLY A 192 37.18 -13.46 -20.14
CA GLY A 192 37.51 -12.32 -20.97
C GLY A 192 36.46 -11.90 -21.96
N ILE A 193 35.22 -12.31 -21.78
CA ILE A 193 34.14 -11.93 -22.68
C ILE A 193 33.50 -10.65 -22.16
N VAL A 194 33.00 -9.84 -23.09
CA VAL A 194 32.31 -8.60 -22.78
C VAL A 194 30.93 -8.66 -23.41
N GLY A 195 29.92 -8.26 -22.65
CA GLY A 195 28.57 -8.22 -23.18
C GLY A 195 27.53 -8.03 -22.08
N VAL A 196 26.32 -7.72 -22.49
CA VAL A 196 25.21 -7.57 -21.56
C VAL A 196 24.49 -8.92 -21.45
N VAL A 197 23.85 -9.13 -20.30
CA VAL A 197 23.09 -10.35 -20.04
C VAL A 197 21.64 -9.95 -19.82
N THR A 198 20.74 -10.64 -20.51
CA THR A 198 19.32 -10.32 -20.45
C THR A 198 18.55 -11.58 -20.08
N LEU A 199 17.37 -11.36 -19.49
CA LEU A 199 16.57 -12.49 -19.03
C LEU A 199 16.23 -13.45 -20.15
N ASP A 200 16.18 -12.99 -21.40
CA ASP A 200 15.96 -13.92 -22.49
C ASP A 200 17.08 -14.93 -22.61
N ASN A 201 18.24 -14.68 -22.00
CA ASN A 201 19.37 -15.58 -22.10
C ASN A 201 19.33 -16.71 -21.09
N GLN A 202 18.34 -16.74 -20.20
CA GLN A 202 18.34 -17.67 -19.07
C GLN A 202 17.03 -18.43 -19.02
N ASP A 203 17.12 -19.70 -18.60
CA ASP A 203 15.96 -20.55 -18.44
C ASP A 203 15.60 -20.70 -16.96
N LEU A 204 14.36 -21.13 -16.71
CA LEU A 204 13.90 -21.32 -15.34
C LEU A 204 14.85 -22.24 -14.58
N ASN A 205 15.46 -23.21 -15.25
CA ASN A 205 16.48 -24.01 -14.59
C ASN A 205 17.68 -23.17 -14.18
N GLY A 206 17.81 -21.97 -14.70
CA GLY A 206 18.87 -21.07 -14.29
C GLY A 206 20.13 -21.15 -15.10
N ASP A 207 20.08 -21.71 -16.30
CA ASP A 207 21.26 -21.86 -17.14
C ASP A 207 21.16 -20.98 -18.38
N PHE A 208 22.23 -20.24 -18.66
CA PHE A 208 22.27 -19.36 -19.81
C PHE A 208 22.54 -20.17 -21.07
N TYR A 209 21.94 -19.74 -22.19
CA TYR A 209 22.02 -20.56 -23.39
C TYR A 209 22.24 -19.79 -24.68
N ASP A 210 22.32 -18.47 -24.67
CA ASP A 210 22.44 -17.70 -25.91
C ASP A 210 23.58 -16.72 -25.78
N PHE A 211 24.54 -16.81 -26.71
CA PHE A 211 25.75 -15.99 -26.69
C PHE A 211 25.97 -15.25 -28.00
N GLY A 212 24.91 -15.07 -28.80
CA GLY A 212 25.10 -14.55 -30.15
C GLY A 212 25.80 -13.21 -30.17
N ASP A 213 25.36 -12.28 -29.33
CA ASP A 213 25.83 -10.90 -29.39
C ASP A 213 27.06 -10.65 -28.54
N PHE A 214 27.56 -11.66 -27.82
CA PHE A 214 28.73 -11.45 -26.98
C PHE A 214 29.98 -11.31 -27.84
N THR A 215 31.05 -10.80 -27.22
CA THR A 215 32.29 -10.59 -27.92
C THR A 215 33.44 -11.07 -27.06
N CYS A 216 34.43 -11.71 -27.70
CA CYS A 216 35.61 -12.21 -27.01
C CYS A 216 36.64 -11.11 -26.84
N SER A 217 37.49 -11.28 -25.84
CA SER A 217 38.53 -10.31 -25.54
C SER A 217 39.56 -10.97 -24.63
N ILE A 218 40.49 -10.17 -24.11
CA ILE A 218 41.59 -10.72 -23.32
C ILE A 218 41.04 -11.47 -22.11
N LYS A 219 41.67 -12.62 -21.81
CA LYS A 219 41.24 -13.43 -20.68
C LYS A 219 41.27 -12.61 -19.40
N GLY A 220 40.19 -12.71 -18.62
CA GLY A 220 40.11 -12.01 -17.36
C GLY A 220 39.82 -10.54 -17.47
N MET A 221 39.84 -9.98 -18.68
CA MET A 221 39.60 -8.56 -18.90
C MET A 221 38.15 -8.28 -19.26
N GLY A 222 37.29 -9.28 -19.21
CA GLY A 222 35.92 -9.09 -19.64
C GLY A 222 35.16 -8.14 -18.73
N ILE A 223 34.06 -7.61 -19.27
CA ILE A 223 33.20 -6.69 -18.53
C ILE A 223 31.74 -7.03 -18.83
N PRO A 224 31.01 -7.62 -17.89
CA PRO A 224 29.58 -7.83 -18.09
C PRO A 224 28.77 -6.69 -17.50
N ILE A 225 27.73 -6.30 -18.25
CA ILE A 225 26.79 -5.27 -17.82
C ILE A 225 25.45 -5.94 -17.61
N CYS A 226 24.97 -5.95 -16.37
CA CYS A 226 23.73 -6.63 -16.01
C CYS A 226 22.70 -5.67 -15.44
N THR A 227 22.80 -4.38 -15.77
CA THR A 227 21.88 -3.41 -15.18
C THR A 227 20.44 -3.74 -15.50
N SER A 228 20.16 -4.06 -16.77
CA SER A 228 18.79 -4.38 -17.16
C SER A 228 18.35 -5.75 -16.65
N TYR A 229 19.30 -6.66 -16.41
CA TYR A 229 18.97 -7.97 -15.89
C TYR A 229 18.38 -7.86 -14.48
N TYR A 230 19.20 -7.41 -13.53
CA TYR A 230 18.73 -7.32 -12.16
C TYR A 230 17.51 -6.43 -12.06
N SER A 231 17.60 -5.22 -12.63
CA SER A 231 16.57 -4.23 -12.38
C SER A 231 15.21 -4.72 -12.87
N TYR A 232 15.18 -5.41 -14.00
CA TYR A 232 13.90 -5.73 -14.59
C TYR A 232 13.06 -6.66 -13.71
N MET A 233 13.68 -7.66 -13.07
CA MET A 233 12.89 -8.57 -12.26
C MET A 233 12.61 -8.04 -10.87
N MET A 234 13.16 -6.88 -10.51
CA MET A 234 13.01 -6.40 -9.14
C MET A 234 11.57 -6.45 -8.65
N PRO A 235 10.57 -6.00 -9.40
CA PRO A 235 9.20 -6.22 -8.93
C PRO A 235 8.87 -7.69 -8.73
N VAL A 236 9.32 -8.56 -9.63
CA VAL A 236 9.14 -9.99 -9.40
C VAL A 236 9.98 -10.44 -8.21
N MET A 237 11.20 -9.93 -8.11
CA MET A 237 12.06 -10.31 -7.00
C MET A 237 11.41 -9.99 -5.67
N GLY A 238 10.53 -9.00 -5.64
CA GLY A 238 9.86 -8.64 -4.41
C GLY A 238 8.55 -9.35 -4.23
N MET A 239 7.84 -9.59 -5.33
CA MET A 239 6.52 -10.22 -5.24
C MET A 239 6.64 -11.66 -4.77
N THR A 240 7.49 -12.45 -5.42
CA THR A 240 7.62 -13.87 -5.12
C THR A 240 8.45 -14.13 -3.88
N ASN A 241 8.78 -13.09 -3.12
CA ASN A 241 9.39 -13.27 -1.81
C ASN A 241 10.60 -14.20 -1.85
N CYS A 242 11.43 -14.02 -2.87
CA CYS A 242 12.71 -14.72 -2.84
C CYS A 242 13.56 -14.18 -1.69
N LEU A 243 14.71 -14.80 -1.49
CA LEU A 243 15.60 -14.55 -0.36
C LEU A 243 15.01 -15.07 0.95
N ALA A 244 13.79 -15.60 0.95
CA ALA A 244 13.24 -16.18 2.16
C ALA A 244 14.13 -17.28 2.70
N SER A 245 14.92 -17.92 1.83
CA SER A 245 15.88 -18.92 2.28
C SER A 245 16.97 -18.34 3.16
N GLU A 246 17.10 -17.01 3.21
CA GLU A 246 18.14 -16.36 3.97
C GLU A 246 17.64 -15.80 5.30
N CYS A 247 16.43 -16.18 5.73
CA CYS A 247 15.88 -15.61 6.95
C CYS A 247 16.86 -15.78 8.11
N PHE A 248 17.08 -14.69 8.83
CA PHE A 248 18.11 -14.69 9.87
C PHE A 248 17.71 -15.59 11.03
N VAL A 249 16.50 -15.45 11.54
CA VAL A 249 15.98 -16.28 12.62
C VAL A 249 14.97 -17.26 12.03
N LYS A 250 15.10 -18.52 12.40
CA LYS A 250 14.33 -19.60 11.79
C LYS A 250 13.49 -20.33 12.84
N SER A 251 12.87 -19.58 13.75
CA SER A 251 12.01 -20.17 14.76
C SER A 251 10.95 -19.16 15.17
N ASP A 252 9.83 -19.68 15.66
CA ASP A 252 8.75 -18.82 16.11
C ASP A 252 9.09 -18.18 17.46
N ILE A 253 8.46 -17.04 17.71
CA ILE A 253 8.74 -16.30 18.95
C ILE A 253 8.25 -17.10 20.15
N PHE A 254 7.02 -17.58 20.10
CA PHE A 254 6.46 -18.37 21.18
C PHE A 254 6.75 -19.86 21.05
N GLY A 255 7.44 -20.27 19.99
CA GLY A 255 7.94 -21.63 19.94
C GLY A 255 9.03 -21.85 20.96
N GLU A 256 9.06 -23.06 21.52
CA GLU A 256 10.00 -23.35 22.59
C GLU A 256 11.45 -23.20 22.12
N ASP A 257 11.71 -23.58 20.86
CA ASP A 257 13.06 -23.48 20.29
C ASP A 257 13.33 -22.01 19.97
N PHE A 258 13.74 -21.27 20.97
CA PHE A 258 14.00 -19.85 20.81
C PHE A 258 14.96 -19.39 21.90
N LYS A 259 15.59 -18.25 21.66
CA LYS A 259 16.54 -17.66 22.60
C LYS A 259 16.09 -16.25 22.97
N SER A 260 16.18 -15.94 24.26
CA SER A 260 15.78 -14.62 24.74
C SER A 260 16.70 -13.53 24.20
N TYR A 261 18.01 -13.72 24.35
CA TYR A 261 18.96 -12.70 23.91
C TYR A 261 18.96 -12.54 22.39
N ASP A 262 18.34 -13.47 21.66
CA ASP A 262 18.29 -13.35 20.21
C ASP A 262 17.62 -12.06 19.77
N LEU A 263 16.54 -11.66 20.45
CA LEU A 263 15.79 -10.49 20.02
C LEU A 263 16.64 -9.24 20.04
N LEU A 264 17.57 -9.12 20.98
CA LEU A 264 18.32 -7.89 21.16
C LEU A 264 19.12 -7.49 19.94
N GLU A 265 19.39 -8.43 19.03
CA GLU A 265 20.17 -8.09 17.84
C GLU A 265 19.36 -7.18 16.94
N TYR A 266 19.97 -6.07 16.52
CA TYR A 266 19.32 -5.12 15.63
C TYR A 266 20.18 -4.65 14.47
N ASP A 267 21.51 -4.75 14.57
CA ASP A 267 22.37 -4.10 13.59
C ASP A 267 22.15 -4.65 12.19
N PHE A 268 22.46 -5.91 11.97
CA PHE A 268 22.23 -6.56 10.68
C PHE A 268 22.91 -5.83 9.54
N THR A 269 23.87 -4.94 9.82
CA THR A 269 24.57 -4.28 8.74
C THR A 269 25.41 -5.27 7.94
N GLU A 270 26.21 -6.08 8.63
CA GLU A 270 27.03 -7.06 7.94
C GLU A 270 26.16 -8.06 7.21
N HIS A 271 25.06 -8.49 7.83
CA HIS A 271 24.14 -9.39 7.14
C HIS A 271 23.70 -8.80 5.81
N LYS A 272 23.22 -7.56 5.83
CA LYS A 272 22.69 -6.96 4.61
C LYS A 272 23.77 -6.77 3.57
N THR A 273 24.94 -6.26 3.96
CA THR A 273 25.98 -6.04 2.96
C THR A 273 26.47 -7.36 2.38
N ALA A 274 26.60 -8.39 3.21
CA ALA A 274 27.01 -9.69 2.70
C ALA A 274 25.98 -10.24 1.74
N LEU A 275 24.69 -10.08 2.05
CA LEU A 275 23.67 -10.50 1.10
C LEU A 275 23.82 -9.74 -0.20
N PHE A 276 24.03 -8.43 -0.13
CA PHE A 276 24.14 -7.65 -1.35
C PHE A 276 25.28 -8.14 -2.22
N ASN A 277 26.43 -8.39 -1.61
CA ASN A 277 27.57 -8.89 -2.38
C ASN A 277 27.32 -10.30 -2.92
N LYS A 278 26.65 -11.14 -2.14
CA LYS A 278 26.38 -12.50 -2.58
C LYS A 278 25.47 -12.51 -3.80
N TYR A 279 24.44 -11.69 -3.80
CA TYR A 279 23.45 -11.73 -4.87
C TYR A 279 23.64 -10.66 -5.93
N PHE A 280 24.15 -9.48 -5.55
CA PHE A 280 24.23 -8.35 -6.45
C PHE A 280 25.67 -7.90 -6.64
N LYS A 281 26.57 -8.85 -6.80
CA LYS A 281 27.99 -8.49 -6.89
C LYS A 281 28.26 -7.59 -8.08
N TYR A 282 27.43 -7.64 -9.11
CA TYR A 282 27.68 -6.93 -10.36
C TYR A 282 26.68 -5.78 -10.58
N TRP A 283 26.19 -5.17 -9.51
CA TRP A 283 25.28 -4.05 -9.67
C TRP A 283 25.99 -2.72 -9.91
N GLY A 284 27.31 -2.69 -9.76
CA GLY A 284 28.04 -1.50 -10.12
C GLY A 284 27.82 -0.35 -9.17
N LEU A 285 26.57 0.08 -9.05
CA LEU A 285 26.26 1.19 -8.15
C LEU A 285 26.48 0.77 -6.71
N GLN A 286 27.09 1.66 -5.93
CA GLN A 286 27.39 1.33 -4.54
C GLN A 286 26.09 1.13 -3.77
N TYR A 287 26.17 0.33 -2.72
CA TYR A 287 25.06 0.09 -1.80
C TYR A 287 25.44 0.60 -0.43
N HIS A 288 24.54 1.35 0.19
CA HIS A 288 24.76 1.87 1.54
C HIS A 288 23.79 1.19 2.51
N PRO A 289 24.25 0.34 3.41
CA PRO A 289 23.30 -0.28 4.35
C PRO A 289 22.52 0.74 5.14
N ASN A 290 23.15 1.83 5.57
CA ASN A 290 22.51 2.88 6.34
C ASN A 290 22.38 4.12 5.46
N CYS A 291 21.14 4.47 5.12
CA CYS A 291 20.94 5.54 4.16
C CYS A 291 21.54 6.85 4.61
N VAL A 292 21.69 7.06 5.93
CA VAL A 292 22.26 8.29 6.43
C VAL A 292 23.59 8.59 5.76
N ASP A 293 24.24 7.60 5.18
CA ASP A 293 25.48 7.82 4.45
C ASP A 293 25.25 8.33 3.04
N CYS A 294 24.03 8.24 2.51
CA CYS A 294 23.78 8.64 1.14
C CYS A 294 24.02 10.13 0.95
N SER A 295 24.41 10.51 -0.27
CA SER A 295 24.68 11.90 -0.61
C SER A 295 23.57 12.55 -1.40
N ASP A 296 23.16 11.96 -2.52
CA ASP A 296 22.13 12.51 -3.38
C ASP A 296 20.81 11.85 -3.08
N GLU A 297 19.75 12.66 -3.05
CA GLU A 297 18.44 12.12 -2.71
C GLU A 297 18.07 10.97 -3.64
N GLN A 298 18.54 10.97 -4.88
CA GLN A 298 18.31 9.82 -5.74
C GLN A 298 19.02 8.59 -5.21
N CYS A 299 20.26 8.74 -4.74
CA CYS A 299 20.96 7.60 -4.18
C CYS A 299 20.19 6.98 -3.03
N ILE A 300 19.48 7.81 -2.26
CA ILE A 300 18.67 7.27 -1.17
C ILE A 300 17.59 6.36 -1.73
N VAL A 301 17.02 6.71 -2.88
CA VAL A 301 15.96 5.87 -3.44
C VAL A 301 16.51 4.48 -3.74
N HIS A 302 17.66 4.43 -4.39
CA HIS A 302 18.27 3.16 -4.75
C HIS A 302 18.63 2.33 -3.51
N CYS A 303 19.37 2.95 -2.59
CA CYS A 303 19.79 2.21 -1.41
C CYS A 303 18.61 1.78 -0.56
N ALA A 304 17.58 2.62 -0.45
CA ALA A 304 16.42 2.26 0.33
C ALA A 304 15.60 1.17 -0.35
N ASN A 305 15.54 1.16 -1.69
CA ASN A 305 14.87 0.06 -2.35
C ASN A 305 15.58 -1.25 -2.03
N PHE A 306 16.90 -1.25 -2.13
CA PHE A 306 17.61 -2.48 -1.79
C PHE A 306 17.35 -2.87 -0.34
N ASN A 307 17.38 -1.90 0.57
CA ASN A 307 17.11 -2.22 1.97
C ASN A 307 15.71 -2.80 2.14
N THR A 308 14.75 -2.30 1.36
CA THR A 308 13.42 -2.88 1.40
C THR A 308 13.46 -4.34 0.98
N LEU A 309 14.21 -4.65 -0.06
CA LEU A 309 14.29 -6.04 -0.51
C LEU A 309 14.85 -6.93 0.59
N PHE A 310 15.92 -6.49 1.26
CA PHE A 310 16.49 -7.27 2.34
C PHE A 310 15.70 -7.17 3.62
N SER A 311 14.74 -6.25 3.71
CA SER A 311 13.98 -6.12 4.94
C SER A 311 13.28 -7.42 5.30
N THR A 312 12.95 -8.24 4.29
CA THR A 312 12.23 -9.48 4.59
C THR A 312 13.05 -10.40 5.49
N THR A 313 14.35 -10.51 5.22
CA THR A 313 15.17 -11.48 5.92
C THR A 313 15.40 -11.14 7.38
N ILE A 314 15.18 -9.89 7.78
CA ILE A 314 15.47 -9.46 9.15
C ILE A 314 14.25 -9.75 10.01
N PRO A 315 14.41 -10.05 11.30
CA PRO A 315 13.23 -10.24 12.15
C PRO A 315 12.37 -8.98 12.21
N ILE A 316 11.05 -9.18 12.22
CA ILE A 316 10.14 -8.04 12.25
C ILE A 316 10.31 -7.22 13.51
N THR A 317 10.76 -7.84 14.61
CA THR A 317 10.91 -7.12 15.85
C THR A 317 12.14 -6.22 15.85
N ALA A 318 13.11 -6.47 14.97
CA ALA A 318 14.32 -5.66 14.97
C ALA A 318 14.01 -4.21 14.69
N PHE A 319 13.10 -3.95 13.75
CA PHE A 319 12.72 -2.58 13.43
C PHE A 319 12.10 -1.92 14.65
N GLY A 320 11.77 -0.64 14.51
CA GLY A 320 11.15 0.11 15.58
C GLY A 320 12.14 0.97 16.32
N PRO A 321 11.64 1.81 17.22
CA PRO A 321 12.53 2.76 17.91
C PRO A 321 13.64 2.05 18.67
N LEU A 322 14.83 2.63 18.60
CA LEU A 322 15.99 2.14 19.34
C LEU A 322 16.18 3.00 20.57
N CYS A 323 15.96 2.43 21.75
CA CYS A 323 16.02 3.16 23.00
C CYS A 323 17.15 2.61 23.85
N ARG A 324 17.47 3.34 24.91
CA ARG A 324 18.51 2.91 25.83
C ARG A 324 18.29 3.58 27.19
N LYS A 325 18.88 2.98 28.22
CA LYS A 325 18.83 3.55 29.56
C LYS A 325 19.68 4.81 29.62
N CYS A 326 19.17 5.83 30.33
CA CYS A 326 19.88 7.10 30.42
C CYS A 326 19.50 7.78 31.74
N TRP A 327 20.35 8.72 32.15
CA TRP A 327 20.18 9.46 33.40
C TRP A 327 19.32 10.68 33.13
N ILE A 328 18.06 10.63 33.57
CA ILE A 328 17.09 11.69 33.33
C ILE A 328 16.46 12.07 34.65
N ASP A 329 16.38 13.38 34.93
CA ASP A 329 15.70 13.88 36.13
C ASP A 329 16.24 13.21 37.39
N GLY A 330 17.49 12.78 37.36
CA GLY A 330 18.08 12.07 38.47
C GLY A 330 17.59 10.65 38.65
N VAL A 331 16.69 10.18 37.80
CA VAL A 331 16.18 8.82 37.86
C VAL A 331 16.54 8.14 36.54
N PRO A 332 17.41 7.13 36.53
CA PRO A 332 17.83 6.54 35.26
C PRO A 332 16.69 5.83 34.54
N LEU A 333 16.27 6.37 33.41
CA LEU A 333 15.14 5.82 32.66
C LEU A 333 15.55 5.58 31.22
N VAL A 334 14.79 4.73 30.54
CA VAL A 334 15.08 4.39 29.16
C VAL A 334 14.65 5.54 28.27
N THR A 335 15.59 6.01 27.44
CA THR A 335 15.35 7.13 26.53
C THR A 335 15.51 6.68 25.09
N THR A 336 14.77 7.30 24.20
CA THR A 336 14.98 7.07 22.78
C THR A 336 16.32 7.64 22.37
N ALA A 337 17.09 6.87 21.61
CA ALA A 337 18.36 7.32 21.09
C ALA A 337 18.54 7.03 19.61
N GLY A 338 17.62 6.29 18.99
CA GLY A 338 17.73 6.03 17.58
C GLY A 338 16.51 5.28 17.09
N TYR A 339 16.40 5.20 15.77
CA TYR A 339 15.31 4.52 15.11
C TYR A 339 15.88 3.60 14.06
N HIS A 340 15.26 2.44 13.86
CA HIS A 340 15.71 1.46 12.90
C HIS A 340 14.65 1.35 11.81
N PHE A 341 14.71 2.25 10.84
CA PHE A 341 13.72 2.23 9.77
C PHE A 341 13.87 0.99 8.92
N LYS A 342 12.75 0.49 8.43
CA LYS A 342 12.81 -0.68 7.56
C LYS A 342 13.58 -0.37 6.29
N GLN A 343 13.37 0.81 5.71
CA GLN A 343 14.00 1.17 4.45
C GLN A 343 15.30 1.93 4.65
N LEU A 344 15.31 2.92 5.55
CA LEU A 344 16.45 3.82 5.63
C LEU A 344 17.60 3.24 6.44
N GLY A 345 17.37 2.20 7.23
CA GLY A 345 18.43 1.66 8.04
C GLY A 345 18.58 2.39 9.36
N ILE A 346 19.65 2.06 10.07
CA ILE A 346 19.87 2.60 11.41
C ILE A 346 20.11 4.10 11.33
N VAL A 347 19.42 4.85 12.17
CA VAL A 347 19.67 6.28 12.33
C VAL A 347 19.69 6.57 13.81
N TRP A 348 20.72 7.27 14.26
CA TRP A 348 20.91 7.56 15.68
C TRP A 348 20.71 9.04 15.93
N ASN A 349 20.06 9.35 17.05
CA ASN A 349 19.81 10.75 17.38
C ASN A 349 21.13 11.50 17.52
N ASN A 350 21.21 12.66 16.88
CA ASN A 350 22.48 13.37 16.81
C ASN A 350 22.87 13.95 18.15
N ASP A 351 21.91 14.49 18.89
CA ASP A 351 22.18 15.16 20.16
C ASP A 351 21.63 14.34 21.32
N LEU A 352 22.37 14.32 22.41
CA LEU A 352 22.02 13.54 23.59
C LEU A 352 21.52 14.47 24.68
N ASN A 353 20.37 14.14 25.25
CA ASN A 353 19.79 14.95 26.33
C ASN A 353 20.59 14.77 27.61
N SER A 360 13.46 22.24 31.10
CA SER A 360 12.71 23.11 30.20
C SER A 360 11.55 22.37 29.55
N ILE A 361 10.41 23.04 29.43
CA ILE A 361 9.25 22.41 28.79
C ILE A 361 9.58 22.04 27.36
N ASN A 362 10.35 22.88 26.66
CA ASN A 362 10.79 22.53 25.32
C ASN A 362 11.50 21.19 25.31
N GLU A 363 12.32 20.92 26.33
CA GLU A 363 13.05 19.66 26.41
C GLU A 363 12.24 18.58 27.13
N LEU A 364 11.52 18.95 28.19
CA LEU A 364 10.81 17.95 28.98
C LEU A 364 9.53 17.47 28.31
N LEU A 365 8.92 18.29 27.47
CA LEU A 365 7.62 17.93 26.90
C LEU A 365 7.71 16.65 26.08
N GLN A 366 8.76 16.51 25.27
CA GLN A 366 8.86 15.37 24.37
C GLN A 366 8.85 14.05 25.13
N PHE A 367 9.40 14.03 26.35
CA PHE A 367 9.51 12.78 27.08
C PHE A 367 8.13 12.19 27.34
N CYS A 368 7.16 13.01 27.71
CA CYS A 368 5.83 12.49 27.99
C CYS A 368 5.16 11.94 26.74
N SER A 369 5.56 12.39 25.56
CA SER A 369 5.00 11.88 24.31
C SER A 369 5.83 10.77 23.70
N ASP A 370 7.13 10.74 23.96
CA ASP A 370 7.97 9.69 23.41
C ASP A 370 7.55 8.35 24.01
N PRO A 371 7.23 7.35 23.19
CA PRO A 371 6.77 6.08 23.76
C PRO A 371 7.80 5.38 24.63
N ALA A 372 9.08 5.73 24.48
CA ALA A 372 10.13 4.96 25.14
C ALA A 372 9.83 4.76 26.62
N LEU A 373 9.36 5.81 27.30
CA LEU A 373 9.07 5.69 28.72
C LEU A 373 7.81 4.88 28.96
N LEU A 374 6.76 5.10 28.17
CA LEU A 374 5.48 4.47 28.45
C LEU A 374 5.54 2.97 28.24
N ILE A 375 6.03 2.53 27.09
CA ILE A 375 5.95 1.11 26.75
C ILE A 375 6.74 0.28 27.75
N ALA A 376 7.97 0.73 28.07
CA ALA A 376 8.81 -0.04 28.97
C ALA A 376 8.15 -0.24 30.34
N SER A 377 7.18 0.59 30.67
CA SER A 377 6.51 0.52 31.96
C SER A 377 5.20 -0.27 31.90
N SER A 378 5.04 -1.14 30.92
CA SER A 378 3.77 -1.84 30.77
C SER A 378 4.00 -3.34 30.55
N PRO A 379 3.09 -4.19 31.04
CA PRO A 379 3.23 -5.62 30.77
C PRO A 379 3.08 -5.94 29.29
N ALA A 380 3.68 -7.06 28.89
CA ALA A 380 3.73 -7.43 27.48
C ALA A 380 2.38 -7.99 27.01
N LEU A 381 2.14 -7.89 25.71
CA LEU A 381 0.88 -8.26 25.10
C LEU A 381 1.12 -9.07 23.85
N VAL A 382 0.39 -10.18 23.71
CA VAL A 382 0.38 -10.97 22.49
C VAL A 382 -1.07 -11.11 22.06
N ASP A 383 -1.37 -10.68 20.83
CA ASP A 383 -2.73 -10.72 20.31
C ASP A 383 -2.73 -11.52 19.01
N GLN A 384 -3.63 -12.50 18.93
CA GLN A 384 -3.73 -13.34 17.75
C GLN A 384 -4.77 -12.84 16.76
N ARG A 385 -5.56 -11.83 17.12
CA ARG A 385 -6.59 -11.33 16.22
C ARG A 385 -5.98 -10.74 14.96
N THR A 386 -4.91 -9.96 15.10
CA THR A 386 -4.31 -9.25 14.00
C THR A 386 -2.93 -9.83 13.68
N VAL A 387 -2.66 -10.02 12.40
CA VAL A 387 -1.34 -10.49 11.98
C VAL A 387 -0.27 -9.47 12.33
N CYS A 388 -0.65 -8.21 12.42
CA CYS A 388 0.31 -7.17 12.76
C CYS A 388 0.87 -7.42 14.16
N PHE A 389 2.11 -6.96 14.37
CA PHE A 389 2.80 -7.23 15.62
C PHE A 389 2.12 -6.48 16.77
N SER A 390 2.34 -6.98 17.98
CA SER A 390 1.84 -6.36 19.19
C SER A 390 3.00 -6.16 20.17
N VAL A 391 2.91 -5.10 20.97
CA VAL A 391 4.04 -4.63 21.76
C VAL A 391 3.79 -4.78 23.25
N ALA A 392 2.75 -4.15 23.78
CA ALA A 392 2.52 -4.17 25.22
C ALA A 392 1.09 -3.75 25.51
N ALA A 393 0.71 -3.88 26.79
CA ALA A 393 -0.61 -3.51 27.26
C ALA A 393 -0.48 -2.75 28.57
N LEU A 394 -1.37 -1.78 28.76
CA LEU A 394 -1.31 -0.94 29.95
C LEU A 394 -1.64 -1.76 31.19
N GLY A 395 -1.38 -1.16 32.36
CA GLY A 395 -1.66 -1.84 33.60
C GLY A 395 -3.13 -2.13 33.81
N THR A 396 -4.00 -1.23 33.34
CA THR A 396 -5.44 -1.41 33.51
C THR A 396 -6.00 -2.57 32.71
N GLY A 397 -5.23 -3.15 31.80
CA GLY A 397 -5.71 -4.23 30.98
C GLY A 397 -6.47 -3.73 29.77
N MET A 398 -6.65 -4.65 28.81
CA MET A 398 -7.30 -4.28 27.56
C MET A 398 -8.76 -3.95 27.80
N THR A 399 -9.31 -3.14 26.90
CA THR A 399 -10.72 -2.78 26.94
C THR A 399 -11.20 -2.47 25.53
N ASN A 400 -12.32 -3.06 25.15
CA ASN A 400 -12.85 -2.91 23.80
C ASN A 400 -13.84 -1.74 23.74
N GLN A 401 -14.15 -1.31 22.52
CA GLN A 401 -15.03 -0.18 22.27
C GLN A 401 -15.93 -0.51 21.10
N THR A 402 -17.20 -0.12 21.20
CA THR A 402 -18.23 -0.49 20.25
C THR A 402 -18.78 0.73 19.54
N VAL A 403 -19.60 0.48 18.53
CA VAL A 403 -20.21 1.53 17.71
C VAL A 403 -21.72 1.41 17.82
N LYS A 404 -22.39 2.53 18.09
CA LYS A 404 -23.84 2.56 18.14
C LYS A 404 -24.39 3.12 16.83
N PRO A 405 -25.58 2.69 16.40
CA PRO A 405 -26.13 3.17 15.14
C PRO A 405 -26.66 4.59 15.27
N GLY A 406 -26.91 5.21 14.12
CA GLY A 406 -27.37 6.57 14.10
C GLY A 406 -28.85 6.71 14.37
N HIS A 407 -29.26 7.93 14.69
CA HIS A 407 -30.65 8.22 14.99
C HIS A 407 -31.44 8.37 13.69
N PHE A 408 -32.67 7.85 13.70
CA PHE A 408 -33.54 7.86 12.52
C PHE A 408 -34.54 9.00 12.67
N ASN A 409 -34.51 9.95 11.73
CA ASN A 409 -35.39 11.13 11.78
C ASN A 409 -36.73 10.75 11.14
N LYS A 410 -37.67 10.37 11.99
CA LYS A 410 -38.93 9.80 11.51
C LYS A 410 -39.71 10.82 10.67
N GLU A 411 -39.75 12.06 11.12
CA GLU A 411 -40.59 13.05 10.44
C GLU A 411 -40.14 13.23 8.99
N PHE A 412 -38.83 13.34 8.77
CA PHE A 412 -38.33 13.52 7.42
C PHE A 412 -38.68 12.32 6.55
N TYR A 413 -38.56 11.11 7.11
CA TYR A 413 -38.91 9.91 6.37
C TYR A 413 -40.39 9.92 5.99
N ASP A 414 -41.25 10.29 6.93
CA ASP A 414 -42.68 10.33 6.64
C ASP A 414 -42.96 11.33 5.54
N PHE A 415 -42.31 12.50 5.60
CA PHE A 415 -42.50 13.49 4.55
C PHE A 415 -42.06 12.93 3.20
N LEU A 416 -40.91 12.27 3.17
CA LEU A 416 -40.44 11.68 1.93
C LEU A 416 -41.45 10.71 1.37
N LEU A 417 -42.02 9.87 2.24
CA LEU A 417 -43.05 8.95 1.79
C LEU A 417 -44.25 9.70 1.23
N GLU A 418 -44.64 10.79 1.90
CA GLU A 418 -45.78 11.55 1.44
C GLU A 418 -45.57 12.09 0.04
N GLN A 419 -44.35 12.57 -0.25
CA GLN A 419 -44.06 13.11 -1.56
C GLN A 419 -44.11 12.05 -2.65
N GLY A 420 -44.15 10.78 -2.30
CA GLY A 420 -44.24 9.71 -3.27
C GLY A 420 -42.95 8.98 -3.56
N PHE A 421 -41.90 9.23 -2.79
CA PHE A 421 -40.64 8.53 -3.00
C PHE A 421 -40.69 7.13 -2.40
N PHE A 422 -39.67 6.34 -2.73
CA PHE A 422 -39.56 4.97 -2.25
C PHE A 422 -40.79 4.16 -2.66
N SER A 423 -41.46 4.57 -3.72
CA SER A 423 -42.57 3.80 -4.25
C SER A 423 -42.05 2.48 -4.80
N GLU A 424 -42.98 1.63 -5.23
CA GLU A 424 -42.59 0.37 -5.83
C GLU A 424 -41.84 0.56 -7.13
N GLY A 425 -41.88 1.76 -7.71
CA GLY A 425 -41.00 2.06 -8.82
C GLY A 425 -39.54 1.90 -8.44
N SER A 426 -38.77 1.31 -9.34
CA SER A 426 -37.41 0.90 -9.05
C SER A 426 -36.47 2.10 -9.13
N GLU A 427 -35.17 1.82 -9.17
CA GLU A 427 -34.13 2.80 -9.47
C GLU A 427 -34.15 3.99 -8.52
N LEU A 428 -34.59 3.79 -7.28
CA LEU A 428 -34.35 4.77 -6.23
C LEU A 428 -34.72 4.19 -4.87
N THR A 429 -33.81 4.29 -3.90
CA THR A 429 -34.06 3.75 -2.57
C THR A 429 -32.85 4.08 -1.71
N LEU A 430 -33.06 4.06 -0.39
CA LEU A 430 -31.96 4.28 0.54
C LEU A 430 -30.88 3.22 0.33
N LYS A 431 -29.63 3.69 0.29
CA LYS A 431 -28.50 2.77 0.12
C LYS A 431 -27.30 3.17 0.97
N HIS A 432 -27.51 3.93 2.03
CA HIS A 432 -26.44 4.29 2.95
C HIS A 432 -27.01 4.39 4.35
N PHE A 433 -26.33 3.75 5.31
CA PHE A 433 -26.86 3.67 6.67
C PHE A 433 -25.70 3.69 7.64
N PHE A 434 -26.01 4.05 8.89
CA PHE A 434 -25.01 4.08 9.94
C PHE A 434 -24.86 2.68 10.53
N PHE A 435 -24.08 1.86 9.83
CA PHE A 435 -23.89 0.48 10.26
C PHE A 435 -23.21 0.44 11.62
N ALA A 436 -23.58 -0.55 12.43
CA ALA A 436 -22.98 -0.75 13.73
C ALA A 436 -21.96 -1.87 13.66
N GLN A 437 -20.96 -1.79 14.55
CA GLN A 437 -19.82 -2.69 14.52
C GLN A 437 -19.65 -3.37 15.88
N LYS A 438 -18.97 -4.51 15.87
CA LYS A 438 -18.86 -5.36 17.05
C LYS A 438 -18.14 -4.63 18.18
N GLY A 439 -18.02 -5.29 19.33
CA GLY A 439 -17.48 -4.65 20.50
C GLY A 439 -16.02 -4.26 20.38
N ASP A 440 -15.29 -4.89 19.46
CA ASP A 440 -13.87 -4.58 19.28
C ASP A 440 -13.52 -4.53 17.80
N ALA A 441 -14.37 -3.89 17.00
CA ALA A 441 -14.09 -3.76 15.58
C ALA A 441 -12.89 -2.88 15.30
N ALA A 442 -12.40 -2.12 16.29
CA ALA A 442 -11.23 -1.28 16.07
C ALA A 442 -10.02 -2.12 15.67
N VAL A 443 -9.70 -3.13 16.47
CA VAL A 443 -8.50 -3.92 16.21
C VAL A 443 -8.66 -4.76 14.96
N LYS A 444 -9.83 -5.40 14.79
CA LYS A 444 -10.03 -6.25 13.63
C LYS A 444 -9.97 -5.47 12.33
N ASP A 445 -10.24 -4.16 12.38
CA ASP A 445 -10.02 -3.33 11.20
C ASP A 445 -8.54 -3.05 11.00
N PHE A 446 -7.81 -2.80 12.08
CA PHE A 446 -6.36 -2.61 11.98
C PHE A 446 -5.68 -3.84 11.40
N ASP A 447 -6.32 -5.01 11.50
CA ASP A 447 -5.78 -6.21 10.88
C ASP A 447 -5.70 -6.10 9.38
N TYR A 448 -6.45 -5.17 8.78
CA TYR A 448 -6.43 -5.04 7.34
C TYR A 448 -5.09 -4.57 6.79
N TYR A 449 -4.19 -4.11 7.66
CA TYR A 449 -2.88 -3.69 7.19
C TYR A 449 -2.02 -4.84 6.70
N ARG A 450 -2.46 -6.08 6.92
CA ARG A 450 -1.69 -7.21 6.42
C ARG A 450 -1.56 -7.19 4.91
N TYR A 451 -2.40 -6.41 4.22
CA TYR A 451 -2.22 -6.23 2.79
C TYR A 451 -0.98 -5.43 2.44
N ASN A 452 -0.34 -4.80 3.42
CA ASN A 452 0.82 -3.95 3.17
C ASN A 452 2.08 -4.81 3.04
N ARG A 453 2.10 -5.62 2.00
CA ARG A 453 3.26 -6.48 1.78
C ARG A 453 4.41 -5.67 1.20
N PRO A 454 5.65 -5.99 1.55
CA PRO A 454 6.79 -5.28 0.96
C PRO A 454 6.78 -5.41 -0.56
N THR A 455 7.05 -4.31 -1.24
CA THR A 455 7.15 -4.29 -2.69
C THR A 455 8.41 -3.55 -3.09
N VAL A 456 9.14 -4.13 -4.04
CA VAL A 456 10.40 -3.58 -4.51
C VAL A 456 10.17 -3.11 -5.93
N LEU A 457 10.18 -1.79 -6.11
CA LEU A 457 10.03 -1.20 -7.44
C LEU A 457 11.39 -1.12 -8.13
N ASP A 458 11.43 -1.47 -9.41
CA ASP A 458 12.70 -1.60 -10.10
C ASP A 458 13.38 -0.25 -10.24
N ILE A 459 14.56 -0.13 -9.66
CA ILE A 459 15.15 1.18 -9.44
C ILE A 459 15.50 1.85 -10.76
N CYS A 460 15.97 1.08 -11.74
CA CYS A 460 16.39 1.68 -13.00
C CYS A 460 15.22 2.38 -13.68
N GLN A 461 14.06 1.73 -13.72
CA GLN A 461 12.90 2.29 -14.38
C GLN A 461 12.13 3.25 -13.50
N ALA A 462 12.46 3.33 -12.22
CA ALA A 462 11.76 4.22 -11.31
C ALA A 462 12.52 5.51 -11.02
N ARG A 463 13.83 5.54 -11.27
CA ARG A 463 14.55 6.80 -11.20
C ARG A 463 14.03 7.77 -12.24
N VAL A 464 13.80 7.30 -13.46
CA VAL A 464 13.24 8.15 -14.49
C VAL A 464 11.87 8.65 -14.08
N VAL A 465 11.04 7.77 -13.53
CA VAL A 465 9.70 8.18 -13.17
C VAL A 465 9.74 9.18 -12.03
N TYR A 466 10.66 9.02 -11.10
CA TYR A 466 10.82 10.02 -10.05
C TYR A 466 11.19 11.37 -10.66
N GLN A 467 12.10 11.37 -11.62
CA GLN A 467 12.46 12.62 -12.29
C GLN A 467 11.25 13.24 -12.95
N ILE A 468 10.46 12.45 -13.67
CA ILE A 468 9.30 13.00 -14.38
C ILE A 468 8.29 13.56 -13.39
N VAL A 469 7.91 12.77 -12.40
CA VAL A 469 6.88 13.22 -11.47
C VAL A 469 7.34 14.46 -10.73
N GLN A 470 8.65 14.60 -10.52
CA GLN A 470 9.14 15.83 -9.90
C GLN A 470 8.78 17.04 -10.74
N ARG A 471 8.68 16.87 -12.07
CA ARG A 471 8.33 18.00 -12.92
C ARG A 471 6.91 18.48 -12.67
N TYR A 472 6.00 17.55 -12.38
CA TYR A 472 4.63 17.94 -12.08
C TYR A 472 4.52 18.82 -10.86
N PHE A 473 5.57 18.88 -10.03
CA PHE A 473 5.54 19.64 -8.79
C PHE A 473 6.58 20.75 -8.74
N ASP A 474 7.07 21.19 -9.90
CA ASP A 474 8.02 22.30 -9.92
C ASP A 474 7.34 23.65 -9.88
N ILE A 475 6.03 23.72 -10.13
CA ILE A 475 5.34 24.99 -10.22
C ILE A 475 5.29 25.67 -8.85
N TYR A 476 5.09 24.88 -7.80
CA TYR A 476 4.76 25.43 -6.49
C TYR A 476 6.01 25.92 -5.79
N GLU A 477 5.83 26.46 -4.59
CA GLU A 477 6.92 26.97 -3.77
C GLU A 477 6.76 26.47 -2.34
N GLY A 478 7.90 26.24 -1.69
CA GLY A 478 7.92 25.69 -0.34
C GLY A 478 8.84 26.50 0.56
N GLY A 479 9.56 25.79 1.41
CA GLY A 479 10.47 26.41 2.34
C GLY A 479 9.96 26.35 3.78
N CYS A 480 10.84 26.68 4.71
CA CYS A 480 10.47 26.71 6.11
C CYS A 480 9.86 28.06 6.48
N ILE A 481 9.08 28.06 7.55
CA ILE A 481 8.42 29.27 8.04
C ILE A 481 8.51 29.29 9.56
N THR A 482 8.77 30.46 10.11
CA THR A 482 8.84 30.60 11.55
C THR A 482 7.48 30.25 12.17
N ALA A 483 7.52 29.84 13.44
CA ALA A 483 6.31 29.36 14.09
C ALA A 483 5.17 30.36 13.96
N LYS A 484 5.45 31.65 14.11
CA LYS A 484 4.40 32.65 14.10
C LYS A 484 3.61 32.65 12.80
N GLU A 485 4.19 32.13 11.72
CA GLU A 485 3.56 32.20 10.41
C GLU A 485 2.68 30.99 10.08
N VAL A 486 2.65 29.98 10.94
CA VAL A 486 1.88 28.78 10.67
C VAL A 486 0.41 29.04 10.97
N VAL A 487 -0.45 28.75 9.99
CA VAL A 487 -1.89 28.83 10.21
C VAL A 487 -2.32 27.57 10.96
N VAL A 488 -3.01 27.77 12.08
CA VAL A 488 -3.34 26.67 12.98
C VAL A 488 -4.84 26.62 13.17
N THR A 489 -5.42 25.42 12.99
CA THR A 489 -6.81 25.18 13.33
C THR A 489 -6.84 24.82 14.81
N ASN A 490 -6.70 25.85 15.65
CA ASN A 490 -6.62 25.67 17.09
C ASN A 490 -7.80 24.87 17.60
N LEU A 491 -7.72 24.37 18.83
CA LEU A 491 -8.76 23.52 19.39
C LEU A 491 -8.97 22.28 18.53
N ASN A 492 -7.88 21.78 17.96
CA ASN A 492 -7.95 20.51 17.23
C ASN A 492 -8.51 19.44 18.15
N LYS A 493 -9.50 18.69 17.65
CA LYS A 493 -10.31 17.84 18.50
C LYS A 493 -9.53 16.75 19.21
N SER A 494 -8.23 16.60 18.92
CA SER A 494 -7.45 15.56 19.58
C SER A 494 -5.98 15.94 19.55
N ALA A 495 -5.20 15.25 20.38
CA ALA A 495 -3.76 15.47 20.42
C ALA A 495 -2.97 14.17 20.56
N GLY A 496 -3.61 13.01 20.40
CA GLY A 496 -2.94 11.75 20.58
C GLY A 496 -3.06 11.23 22.00
N TYR A 497 -2.82 9.92 22.16
CA TYR A 497 -3.01 9.29 23.46
C TYR A 497 -2.19 9.96 24.56
N PRO A 498 -0.91 10.27 24.37
CA PRO A 498 -0.12 10.80 25.49
C PRO A 498 -0.69 12.08 26.06
N LEU A 499 -1.29 12.94 25.23
CA LEU A 499 -1.66 14.28 25.63
C LEU A 499 -3.15 14.54 25.64
N ASN A 500 -3.97 13.63 25.11
CA ASN A 500 -5.41 13.90 25.03
C ASN A 500 -6.06 13.91 26.40
N LYS A 501 -5.41 13.40 27.44
CA LYS A 501 -6.01 13.43 28.77
C LYS A 501 -6.15 14.85 29.28
N PHE A 502 -5.10 15.66 29.13
CA PHE A 502 -5.08 16.98 29.75
C PHE A 502 -6.04 17.94 29.06
N GLY A 503 -6.00 17.98 27.73
CA GLY A 503 -6.87 18.89 27.01
C GLY A 503 -6.56 18.87 25.52
N LYS A 504 -7.31 19.70 24.80
CA LYS A 504 -7.16 19.77 23.36
C LYS A 504 -5.84 20.45 22.98
N ALA A 505 -5.55 20.42 21.68
CA ALA A 505 -4.25 20.85 21.20
C ALA A 505 -3.99 22.33 21.49
N GLY A 506 -5.05 23.15 21.44
CA GLY A 506 -4.89 24.55 21.76
C GLY A 506 -4.13 24.77 23.05
N LEU A 507 -4.62 24.17 24.14
CA LEU A 507 -3.94 24.27 25.42
C LEU A 507 -2.43 24.25 25.24
N TYR A 508 -1.93 23.32 24.43
CA TYR A 508 -0.49 23.27 24.18
C TYR A 508 -0.01 24.41 23.28
N TYR A 509 -0.77 24.76 22.23
CA TYR A 509 -0.33 25.84 21.36
C TYR A 509 -0.09 27.13 22.15
N GLU A 510 -1.08 27.57 22.93
CA GLU A 510 -0.83 28.75 23.77
C GLU A 510 0.08 28.43 24.95
N SER A 511 0.21 27.16 25.33
CA SER A 511 1.19 26.81 26.36
C SER A 511 2.61 27.08 25.87
N LEU A 512 2.90 26.72 24.63
CA LEU A 512 4.24 26.85 24.07
C LEU A 512 4.35 28.16 23.32
N SER A 513 5.20 29.06 23.81
CA SER A 513 5.44 30.30 23.10
C SER A 513 6.27 30.03 21.85
N TYR A 514 6.14 30.93 20.86
CA TYR A 514 6.65 30.64 19.53
C TYR A 514 8.14 30.32 19.56
N GLU A 515 8.89 30.96 20.44
CA GLU A 515 10.32 30.68 20.50
C GLU A 515 10.58 29.21 20.81
N GLU A 516 9.83 28.65 21.76
CA GLU A 516 10.01 27.24 22.09
C GLU A 516 9.63 26.35 20.90
N GLN A 517 8.59 26.72 20.17
CA GLN A 517 8.23 25.95 18.98
C GLN A 517 9.37 25.96 17.97
N ASP A 518 9.98 27.13 17.75
CA ASP A 518 11.11 27.18 16.82
C ASP A 518 12.26 26.34 17.32
N GLU A 519 12.54 26.40 18.62
CA GLU A 519 13.62 25.58 19.17
C GLU A 519 13.35 24.10 18.95
N LEU A 520 12.11 23.68 19.19
CA LEU A 520 11.75 22.28 18.98
C LEU A 520 11.90 21.89 17.52
N TYR A 521 11.52 22.78 16.61
CA TYR A 521 11.67 22.49 15.19
C TYR A 521 13.15 22.32 14.83
N ALA A 522 13.99 23.24 15.30
CA ALA A 522 15.42 23.12 15.03
C ALA A 522 15.96 21.81 15.59
N TYR A 523 15.51 21.42 16.77
CA TYR A 523 15.87 20.12 17.31
C TYR A 523 15.47 19.01 16.36
N THR A 524 14.23 19.04 15.87
CA THR A 524 13.77 18.01 14.96
C THR A 524 14.61 17.96 13.69
N LYS A 525 15.19 19.09 13.32
CA LYS A 525 16.10 19.06 12.17
C LYS A 525 17.43 18.40 12.49
N ARG A 526 17.58 17.78 13.65
CA ARG A 526 18.82 17.11 14.02
C ARG A 526 18.64 15.73 14.62
N ASN A 527 17.44 15.36 15.06
CA ASN A 527 17.22 14.12 15.77
C ASN A 527 15.97 13.44 15.22
N ILE A 528 15.53 12.40 15.90
CA ILE A 528 14.29 11.71 15.59
C ILE A 528 13.47 11.59 16.86
N LEU A 529 12.18 11.87 16.76
CA LEU A 529 11.29 11.94 17.92
C LEU A 529 10.00 11.18 17.62
N PRO A 530 10.00 9.86 17.77
CA PRO A 530 8.80 9.09 17.47
C PRO A 530 7.69 9.35 18.46
N THR A 531 6.46 9.08 18.03
CA THR A 531 5.29 9.31 18.88
C THR A 531 4.21 8.31 18.53
N MET A 532 3.31 8.09 19.48
CA MET A 532 2.18 7.20 19.25
C MET A 532 1.22 7.84 18.25
N THR A 533 0.17 7.11 17.91
CA THR A 533 -0.94 7.66 17.14
C THR A 533 -2.19 6.89 17.54
N GLN A 534 -3.02 7.50 18.38
CA GLN A 534 -4.15 6.79 18.96
C GLN A 534 -5.17 6.48 17.88
N LEU A 535 -5.14 5.25 17.36
CA LEU A 535 -6.15 4.82 16.42
C LEU A 535 -7.51 4.81 17.11
N ASN A 536 -8.55 5.17 16.36
CA ASN A 536 -9.87 5.30 16.95
C ASN A 536 -10.93 5.19 15.86
N LEU A 537 -12.16 4.94 16.28
CA LEU A 537 -13.28 4.66 15.41
C LEU A 537 -13.94 5.96 14.96
N LYS A 538 -14.80 5.86 13.94
CA LYS A 538 -15.37 7.04 13.28
C LYS A 538 -16.85 6.83 13.04
N TYR A 539 -17.69 7.61 13.72
CA TYR A 539 -19.11 7.69 13.38
C TYR A 539 -19.24 8.29 11.99
N ALA A 540 -19.78 7.54 11.03
CA ALA A 540 -19.96 8.10 9.70
C ALA A 540 -20.85 7.22 8.83
N ILE A 541 -21.82 7.81 8.15
CA ILE A 541 -22.64 7.08 7.20
C ILE A 541 -21.72 6.37 6.22
N SER A 542 -22.15 5.22 5.72
CA SER A 542 -21.37 4.49 4.74
C SER A 542 -22.31 3.57 3.96
N GLY A 543 -21.90 3.24 2.75
CA GLY A 543 -22.67 2.36 1.91
C GLY A 543 -22.33 0.90 2.04
N LYS A 544 -21.41 0.53 2.93
CA LYS A 544 -20.97 -0.84 3.05
C LYS A 544 -20.60 -1.15 4.50
N GLU A 545 -20.66 -2.42 4.85
CA GLU A 545 -20.57 -2.84 6.23
C GLU A 545 -19.22 -2.53 6.87
N ARG A 546 -18.18 -2.32 6.06
CA ARG A 546 -16.83 -2.21 6.62
C ARG A 546 -16.77 -1.07 7.62
N ALA A 547 -16.06 -1.32 8.72
CA ALA A 547 -15.82 -0.28 9.70
C ALA A 547 -14.82 0.74 9.16
N ARG A 548 -14.75 1.88 9.84
CA ARG A 548 -13.82 2.94 9.47
C ARG A 548 -13.11 3.45 10.71
N THR A 549 -11.82 3.70 10.58
CA THR A 549 -11.03 4.22 11.69
C THR A 549 -10.02 5.22 11.15
N VAL A 550 -9.55 6.09 12.03
CA VAL A 550 -8.65 7.17 11.64
C VAL A 550 -7.52 7.25 12.66
N GLY A 551 -6.38 7.74 12.18
CA GLY A 551 -5.17 7.76 12.98
C GLY A 551 -5.17 8.76 14.11
N GLY A 552 -5.22 10.04 13.78
CA GLY A 552 -5.12 11.07 14.80
C GLY A 552 -3.73 11.17 15.38
N VAL A 553 -2.76 11.59 14.56
CA VAL A 553 -1.38 11.66 15.00
C VAL A 553 -1.26 12.60 16.19
N SER A 554 -0.25 12.38 17.01
CA SER A 554 -0.07 13.16 18.22
C SER A 554 0.24 14.63 17.87
N LEU A 555 0.31 15.45 18.91
CA LEU A 555 0.45 16.89 18.71
C LEU A 555 1.82 17.25 18.15
N LEU A 556 2.89 16.72 18.75
CA LEU A 556 4.23 17.17 18.38
C LEU A 556 4.51 16.94 16.91
N SER A 557 4.03 15.84 16.35
CA SER A 557 4.28 15.59 14.93
C SER A 557 3.65 16.68 14.07
N THR A 558 2.36 16.95 14.28
CA THR A 558 1.69 17.93 13.43
C THR A 558 2.31 19.31 13.59
N MET A 559 2.65 19.70 14.83
CA MET A 559 3.22 21.02 15.04
C MET A 559 4.46 21.22 14.18
N THR A 560 5.39 20.29 14.23
CA THR A 560 6.59 20.42 13.41
C THR A 560 6.31 20.05 11.96
N THR A 561 5.53 19.01 11.72
CA THR A 561 5.32 18.56 10.35
C THR A 561 4.73 19.68 9.50
N ARG A 562 3.68 20.34 9.98
CA ARG A 562 3.10 21.42 9.21
C ARG A 562 4.10 22.55 9.03
N GLN A 563 4.87 22.85 10.06
CA GLN A 563 5.85 23.92 9.97
C GLN A 563 6.91 23.64 8.93
N TYR A 564 7.02 22.40 8.46
CA TYR A 564 7.99 22.07 7.42
C TYR A 564 7.37 22.04 6.02
N HIS A 565 6.09 21.69 5.92
CA HIS A 565 5.44 21.56 4.63
C HIS A 565 4.42 22.67 4.35
N GLN A 566 4.06 23.47 5.34
CA GLN A 566 2.92 24.36 5.17
C GLN A 566 3.03 25.17 3.89
N LYS A 567 4.17 25.82 3.68
CA LYS A 567 4.30 26.66 2.50
C LYS A 567 4.04 25.87 1.24
N HIS A 568 4.62 24.67 1.14
CA HIS A 568 4.42 23.89 -0.07
C HIS A 568 2.95 23.52 -0.25
N LEU A 569 2.31 23.07 0.82
CA LEU A 569 0.91 22.67 0.70
C LEU A 569 0.03 23.87 0.36
N LYS A 570 0.28 25.01 0.98
CA LYS A 570 -0.49 26.20 0.65
C LYS A 570 -0.29 26.59 -0.81
N SER A 571 0.94 26.53 -1.30
CA SER A 571 1.17 26.77 -2.72
C SER A 571 0.40 25.77 -3.56
N ILE A 572 0.20 24.55 -3.06
CA ILE A 572 -0.53 23.55 -3.82
C ILE A 572 -2.01 23.92 -3.90
N VAL A 573 -2.60 24.33 -2.76
CA VAL A 573 -4.03 24.62 -2.78
C VAL A 573 -4.32 25.89 -3.56
N ASN A 574 -3.50 26.92 -3.38
CA ASN A 574 -3.78 28.20 -4.01
C ASN A 574 -3.67 28.15 -5.52
N THR A 575 -2.76 27.36 -6.07
CA THR A 575 -2.59 27.28 -7.51
C THR A 575 -3.84 26.70 -8.16
N ARG A 576 -4.16 27.20 -9.35
CA ARG A 576 -5.30 26.74 -10.12
C ARG A 576 -4.87 26.45 -11.55
N GLY A 577 -5.53 25.49 -12.17
CA GLY A 577 -5.19 25.07 -13.51
C GLY A 577 -4.12 24.01 -13.59
N ALA A 578 -3.50 23.64 -12.48
CA ALA A 578 -2.47 22.62 -12.48
C ALA A 578 -3.10 21.25 -12.73
N SER A 579 -2.28 20.21 -12.67
CA SER A 579 -2.80 18.85 -12.82
C SER A 579 -3.24 18.24 -11.50
N VAL A 580 -3.01 18.93 -10.38
CA VAL A 580 -3.50 18.52 -9.08
C VAL A 580 -4.50 19.56 -8.60
N VAL A 581 -5.70 19.11 -8.25
CA VAL A 581 -6.83 20.02 -8.07
C VAL A 581 -7.35 19.99 -6.64
N ILE A 582 -6.45 19.82 -5.67
CA ILE A 582 -6.87 19.75 -4.28
C ILE A 582 -7.58 21.03 -3.86
N GLY A 583 -7.00 22.17 -4.18
CA GLY A 583 -7.52 23.43 -3.67
C GLY A 583 -8.67 24.03 -4.43
N THR A 584 -9.13 23.41 -5.51
CA THR A 584 -10.15 24.00 -6.34
C THR A 584 -11.54 23.69 -5.81
N THR A 585 -12.46 24.63 -6.01
CA THR A 585 -13.84 24.47 -5.61
C THR A 585 -14.68 23.97 -6.78
N LYS A 586 -15.66 23.13 -6.47
CA LYS A 586 -16.60 22.72 -7.50
C LYS A 586 -17.72 23.73 -7.71
N PHE A 587 -17.82 24.74 -6.85
CA PHE A 587 -18.86 25.74 -6.98
C PHE A 587 -18.44 26.83 -7.96
N TYR A 588 -19.41 27.67 -8.33
CA TYR A 588 -19.17 28.80 -9.21
C TYR A 588 -18.55 28.32 -10.52
N GLY A 589 -19.06 27.22 -11.05
CA GLY A 589 -18.55 26.70 -12.30
C GLY A 589 -17.15 26.15 -12.21
N GLY A 590 -16.56 26.09 -11.03
CA GLY A 590 -15.22 25.55 -10.91
C GLY A 590 -15.12 24.15 -11.47
N TRP A 591 -16.14 23.32 -11.22
CA TRP A 591 -16.14 21.97 -11.75
C TRP A 591 -15.99 21.99 -13.26
N ASP A 592 -16.77 22.84 -13.94
CA ASP A 592 -16.67 22.89 -15.38
C ASP A 592 -15.31 23.41 -15.83
N ASN A 593 -14.75 24.35 -15.08
CA ASN A 593 -13.40 24.81 -15.42
C ASN A 593 -12.40 23.67 -15.33
N MET A 594 -12.49 22.85 -14.28
CA MET A 594 -11.60 21.71 -14.15
C MET A 594 -11.74 20.78 -15.35
N LEU A 595 -12.98 20.38 -15.67
CA LEU A 595 -13.16 19.44 -16.76
C LEU A 595 -12.79 20.05 -18.10
N LYS A 596 -12.89 21.37 -18.24
CA LYS A 596 -12.53 21.99 -19.51
C LYS A 596 -11.02 22.07 -19.65
N ASN A 597 -10.32 22.36 -18.56
CA ASN A 597 -8.86 22.32 -18.60
C ASN A 597 -8.35 20.92 -18.90
N LEU A 598 -8.93 19.92 -18.24
CA LEU A 598 -8.46 18.56 -18.43
C LEU A 598 -8.66 18.10 -19.87
N ILE A 599 -9.81 18.40 -20.46
CA ILE A 599 -10.09 17.97 -21.83
C ILE A 599 -9.35 18.80 -22.85
N ASP A 600 -8.76 19.92 -22.46
CA ASP A 600 -8.10 20.79 -23.42
C ASP A 600 -6.91 20.11 -24.05
N GLY A 601 -6.70 20.38 -25.34
CA GLY A 601 -5.49 19.96 -26.02
C GLY A 601 -5.50 18.54 -26.53
N VAL A 602 -6.08 17.62 -25.77
CA VAL A 602 -6.04 16.21 -26.13
C VAL A 602 -6.78 15.98 -27.44
N GLU A 603 -6.17 15.22 -28.34
CA GLU A 603 -6.75 14.93 -29.64
C GLU A 603 -7.39 13.55 -29.62
N ASN A 604 -8.58 13.45 -30.22
CA ASN A 604 -9.40 12.25 -30.13
C ASN A 604 -9.65 11.87 -28.67
N PRO A 605 -10.03 12.83 -27.84
CA PRO A 605 -10.05 12.58 -26.40
C PRO A 605 -11.01 11.44 -26.04
N CYS A 606 -10.63 10.71 -25.00
CA CYS A 606 -11.49 9.71 -24.38
C CYS A 606 -11.14 9.69 -22.90
N LEU A 607 -12.14 9.50 -22.06
CA LEU A 607 -11.95 9.60 -20.62
C LEU A 607 -11.90 8.23 -19.98
N MET A 608 -11.05 8.10 -18.96
CA MET A 608 -10.99 6.89 -18.16
C MET A 608 -10.83 7.28 -16.71
N GLY A 609 -11.16 6.35 -15.81
CA GLY A 609 -11.03 6.57 -14.39
C GLY A 609 -10.60 5.29 -13.72
N TRP A 610 -10.37 5.39 -12.42
CA TRP A 610 -9.95 4.23 -11.64
C TRP A 610 -10.05 4.57 -10.16
N ASP A 611 -9.56 3.65 -9.33
CA ASP A 611 -9.36 3.90 -7.91
C ASP A 611 -8.55 2.73 -7.35
N TYR A 612 -7.72 3.02 -6.36
CA TYR A 612 -6.78 2.03 -5.84
C TYR A 612 -7.44 1.23 -4.73
N PRO A 613 -7.71 -0.05 -4.91
CA PRO A 613 -8.32 -0.82 -3.82
C PRO A 613 -7.46 -0.78 -2.58
N LYS A 614 -8.10 -0.69 -1.42
CA LYS A 614 -7.41 -0.65 -0.14
C LYS A 614 -6.29 0.38 -0.17
N CYS A 615 -6.59 1.55 -0.75
CA CYS A 615 -5.54 2.52 -1.03
C CYS A 615 -4.75 2.89 0.21
N ASP A 616 -5.44 3.23 1.30
CA ASP A 616 -4.75 3.71 2.49
C ASP A 616 -3.82 2.64 3.05
N ARG A 617 -4.19 1.38 2.91
CA ARG A 617 -3.42 0.29 3.50
C ARG A 617 -2.39 -0.29 2.53
N ALA A 618 -2.80 -0.58 1.30
CA ALA A 618 -1.90 -1.22 0.35
C ALA A 618 -0.78 -0.33 -0.13
N LEU A 619 -0.80 0.96 0.19
CA LEU A 619 0.26 1.87 -0.22
C LEU A 619 1.62 1.26 0.07
N PRO A 620 2.40 0.88 -0.94
CA PRO A 620 3.71 0.31 -0.66
C PRO A 620 4.54 1.29 0.14
N ASN A 621 4.95 0.86 1.34
CA ASN A 621 5.63 1.75 2.26
C ASN A 621 6.88 2.37 1.66
N MET A 622 7.27 1.99 0.46
CA MET A 622 8.34 2.70 -0.22
C MET A 622 7.80 3.97 -0.89
N ILE A 623 6.89 3.82 -1.84
CA ILE A 623 6.43 4.96 -2.62
C ILE A 623 5.98 6.09 -1.72
N ARG A 624 5.50 5.76 -0.52
CA ARG A 624 5.21 6.80 0.44
C ARG A 624 6.47 7.58 0.79
N MET A 625 7.60 6.88 0.93
CA MET A 625 8.85 7.57 1.18
C MET A 625 9.22 8.48 0.01
N ILE A 626 9.05 7.99 -1.22
CA ILE A 626 9.33 8.81 -2.39
C ILE A 626 8.50 10.08 -2.33
N SER A 627 7.20 9.95 -2.09
CA SER A 627 6.37 11.13 -1.98
C SER A 627 6.87 12.05 -0.88
N ALA A 628 7.28 11.49 0.24
CA ALA A 628 7.82 12.32 1.31
C ALA A 628 9.03 13.11 0.84
N MET A 629 9.83 12.55 -0.07
CA MET A 629 10.97 13.30 -0.57
C MET A 629 10.55 14.38 -1.57
N ILE A 630 9.59 14.09 -2.44
CA ILE A 630 9.20 15.07 -3.46
C ILE A 630 8.67 16.33 -2.78
N LEU A 631 7.78 16.17 -1.81
CA LEU A 631 7.19 17.32 -1.17
C LEU A 631 8.26 18.15 -0.47
N GLY A 632 9.21 17.50 0.18
CA GLY A 632 10.26 18.22 0.86
C GLY A 632 11.41 18.64 -0.02
N SER A 633 11.37 18.31 -1.31
CA SER A 633 12.52 18.56 -2.15
C SER A 633 12.83 20.04 -2.32
N LYS A 634 11.91 20.92 -1.93
CA LYS A 634 12.07 22.34 -2.20
C LYS A 634 12.74 23.11 -1.07
N HIS A 635 13.18 22.44 -0.01
CA HIS A 635 13.96 23.08 1.04
C HIS A 635 15.41 23.21 0.60
N THR A 636 15.58 23.82 -0.58
CA THR A 636 16.91 23.85 -1.20
C THR A 636 17.89 24.64 -0.36
N THR A 637 17.47 25.79 0.16
CA THR A 637 18.36 26.70 0.86
C THR A 637 18.13 26.77 2.35
N CYS A 638 16.87 26.61 2.79
CA CYS A 638 16.57 26.73 4.21
C CYS A 638 17.28 25.66 5.03
N CYS A 639 17.47 24.46 4.47
CA CYS A 639 18.06 23.36 5.21
C CYS A 639 19.10 22.65 4.38
N SER A 640 20.15 22.19 5.05
CA SER A 640 21.18 21.40 4.39
C SER A 640 20.67 19.99 4.14
N SER A 641 21.50 19.18 3.47
CA SER A 641 21.07 17.83 3.12
C SER A 641 20.79 16.99 4.35
N THR A 642 21.66 17.09 5.36
CA THR A 642 21.45 16.27 6.57
C THR A 642 20.16 16.66 7.27
N ASP A 643 19.87 17.97 7.33
CA ASP A 643 18.62 18.40 7.95
C ASP A 643 17.43 17.85 7.18
N ARG A 644 17.50 17.90 5.85
CA ARG A 644 16.42 17.37 5.04
C ARG A 644 16.24 15.87 5.28
N PHE A 645 17.34 15.14 5.40
CA PHE A 645 17.23 13.70 5.63
C PHE A 645 16.63 13.40 6.99
N PHE A 646 17.03 14.12 8.03
CA PHE A 646 16.42 13.91 9.33
C PHE A 646 14.95 14.27 9.31
N ARG A 647 14.56 15.33 8.62
CA ARG A 647 13.15 15.65 8.53
C ARG A 647 12.39 14.51 7.86
N LEU A 648 12.94 13.98 6.77
CA LEU A 648 12.27 12.88 6.09
C LEU A 648 12.14 11.66 6.99
N CYS A 649 13.21 11.30 7.68
CA CYS A 649 13.14 10.09 8.50
C CYS A 649 12.19 10.30 9.67
N ASN A 650 12.14 11.51 10.21
CA ASN A 650 11.18 11.79 11.27
C ASN A 650 9.76 11.70 10.75
N GLU A 651 9.53 12.17 9.53
CA GLU A 651 8.20 12.03 8.93
C GLU A 651 7.81 10.57 8.80
N LEU A 652 8.74 9.73 8.35
CA LEU A 652 8.44 8.30 8.32
C LEU A 652 8.18 7.74 9.71
N ALA A 653 8.98 8.16 10.68
CA ALA A 653 8.84 7.63 12.03
C ALA A 653 7.47 7.96 12.61
N GLN A 654 6.96 9.16 12.34
CA GLN A 654 5.67 9.56 12.89
C GLN A 654 4.49 8.95 12.13
N VAL A 655 4.69 8.50 10.90
CA VAL A 655 3.56 8.30 10.00
C VAL A 655 3.52 6.91 9.37
N LEU A 656 4.67 6.25 9.28
CA LEU A 656 4.71 4.92 8.68
C LEU A 656 4.90 3.81 9.72
N THR A 657 5.96 3.87 10.51
CA THR A 657 6.30 2.78 11.42
C THR A 657 6.16 3.20 12.89
N GLU A 658 5.18 4.04 13.19
CA GLU A 658 4.95 4.48 14.55
C GLU A 658 4.17 3.44 15.33
N VAL A 659 4.36 3.44 16.64
CA VAL A 659 3.61 2.53 17.50
C VAL A 659 2.18 3.02 17.61
N VAL A 660 1.23 2.19 17.18
CA VAL A 660 -0.16 2.59 17.10
C VAL A 660 -0.90 2.07 18.32
N TYR A 661 -1.38 2.99 19.15
CA TYR A 661 -2.18 2.67 20.31
C TYR A 661 -3.63 2.44 19.92
N SER A 662 -4.29 1.50 20.61
CA SER A 662 -5.72 1.34 20.46
C SER A 662 -6.28 0.39 21.51
N ASN A 663 -7.39 0.77 22.14
CA ASN A 663 -8.10 -0.10 23.07
C ASN A 663 -7.21 -0.58 24.20
N GLY A 664 -6.21 0.21 24.57
CA GLY A 664 -5.31 -0.16 25.64
C GLY A 664 -4.24 -1.14 25.24
N GLY A 665 -4.21 -1.58 23.99
CA GLY A 665 -3.20 -2.51 23.53
C GLY A 665 -2.34 -1.90 22.45
N PHE A 666 -1.05 -1.73 22.73
CA PHE A 666 -0.15 -1.13 21.76
C PHE A 666 0.09 -2.08 20.60
N TYR A 667 0.50 -1.50 19.47
CA TYR A 667 0.85 -2.28 18.30
C TYR A 667 1.95 -1.54 17.55
N LEU A 668 2.34 -2.09 16.41
CA LEU A 668 3.41 -1.52 15.59
C LEU A 668 2.97 -1.59 14.14
N LYS A 669 2.64 -0.44 13.57
CA LYS A 669 2.02 -0.43 12.25
C LYS A 669 2.98 -0.93 11.19
N PRO A 670 2.61 -1.92 10.38
CA PRO A 670 3.50 -2.34 9.29
C PRO A 670 3.81 -1.23 8.32
N GLY A 671 2.81 -0.43 7.96
CA GLY A 671 3.03 0.59 6.94
C GLY A 671 1.73 1.28 6.57
N GLY A 672 1.62 1.65 5.30
CA GLY A 672 0.44 2.34 4.82
C GLY A 672 0.27 3.69 5.46
N THR A 673 -0.61 4.52 4.91
CA THR A 673 -0.80 5.86 5.42
C THR A 673 -1.69 5.85 6.65
N THR A 674 -1.62 6.95 7.39
CA THR A 674 -2.51 7.21 8.51
C THR A 674 -3.27 8.50 8.21
N SER A 675 -4.59 8.42 8.23
CA SER A 675 -5.41 9.56 7.83
C SER A 675 -5.15 10.80 8.68
N GLY A 676 -4.64 10.62 9.89
CA GLY A 676 -4.44 11.75 10.79
C GLY A 676 -3.31 12.68 10.38
N ASP A 677 -2.53 12.32 9.37
CA ASP A 677 -1.40 13.15 8.99
C ASP A 677 -1.85 14.39 8.24
N ALA A 678 -1.06 15.45 8.36
CA ALA A 678 -1.36 16.68 7.65
C ALA A 678 -1.28 16.48 6.15
N THR A 679 -0.29 15.73 5.68
CA THR A 679 0.00 15.64 4.26
C THR A 679 -0.64 14.45 3.57
N THR A 680 -1.55 13.75 4.25
CA THR A 680 -2.09 12.52 3.70
C THR A 680 -2.63 12.74 2.30
N ALA A 681 -3.46 13.76 2.12
CA ALA A 681 -4.03 14.01 0.80
C ALA A 681 -2.95 14.35 -0.21
N TYR A 682 -2.00 15.19 0.17
CA TYR A 682 -0.96 15.62 -0.76
C TYR A 682 -0.02 14.46 -1.10
N ALA A 683 0.40 13.71 -0.08
CA ALA A 683 1.26 12.57 -0.33
C ALA A 683 0.56 11.55 -1.20
N ASN A 684 -0.73 11.33 -0.98
CA ASN A 684 -1.47 10.40 -1.81
C ASN A 684 -1.58 10.92 -3.24
N SER A 685 -1.71 12.23 -3.41
CA SER A 685 -1.73 12.78 -4.77
C SER A 685 -0.41 12.51 -5.48
N VAL A 686 0.70 12.72 -4.78
CA VAL A 686 2.00 12.42 -5.39
C VAL A 686 2.08 10.95 -5.75
N PHE A 687 1.67 10.08 -4.83
CA PHE A 687 1.62 8.65 -5.09
C PHE A 687 0.83 8.36 -6.36
N ASN A 688 -0.35 8.96 -6.49
CA ASN A 688 -1.19 8.68 -7.64
C ASN A 688 -0.52 9.13 -8.93
N ILE A 689 0.12 10.30 -8.91
CA ILE A 689 0.85 10.74 -10.09
C ILE A 689 1.93 9.74 -10.43
N PHE A 690 2.63 9.25 -9.41
CA PHE A 690 3.71 8.30 -9.65
C PHE A 690 3.18 7.05 -10.33
N GLN A 691 2.08 6.52 -9.84
CA GLN A 691 1.52 5.31 -10.44
C GLN A 691 1.04 5.58 -11.85
N ALA A 692 0.36 6.70 -12.07
CA ALA A 692 -0.14 6.99 -13.40
C ALA A 692 0.99 7.13 -14.40
N VAL A 693 2.07 7.81 -14.01
CA VAL A 693 3.22 7.93 -14.88
C VAL A 693 3.81 6.56 -15.17
N SER A 694 4.08 5.79 -14.11
CA SER A 694 4.82 4.55 -14.28
C SER A 694 4.11 3.61 -15.24
N ALA A 695 2.78 3.64 -15.28
CA ALA A 695 2.08 2.86 -16.28
C ALA A 695 2.50 3.28 -17.69
N ASN A 696 2.77 4.57 -17.87
CA ASN A 696 3.17 5.05 -19.18
C ASN A 696 4.54 4.51 -19.57
N VAL A 697 5.52 4.64 -18.67
CA VAL A 697 6.84 4.11 -18.97
C VAL A 697 6.76 2.62 -19.20
N ASN A 698 5.99 1.91 -18.38
CA ASN A 698 5.85 0.47 -18.57
C ASN A 698 5.32 0.15 -19.95
N LYS A 699 4.22 0.77 -20.35
CA LYS A 699 3.64 0.45 -21.65
C LYS A 699 4.55 0.92 -22.77
N LEU A 700 5.19 2.07 -22.61
CA LEU A 700 5.97 2.63 -23.70
C LEU A 700 7.13 1.72 -24.09
N LEU A 701 7.80 1.13 -23.10
CA LEU A 701 8.96 0.30 -23.42
C LEU A 701 8.59 -0.94 -24.21
N SER A 702 7.32 -1.37 -24.17
CA SER A 702 6.88 -2.60 -24.78
C SER A 702 6.11 -2.35 -26.07
N VAL A 703 6.55 -1.38 -26.88
CA VAL A 703 5.76 -0.92 -28.01
C VAL A 703 6.06 -1.67 -29.31
N ASP A 704 7.04 -2.58 -29.31
CA ASP A 704 7.42 -3.28 -30.54
C ASP A 704 7.89 -2.27 -31.60
N SER A 705 9.03 -1.64 -31.28
CA SER A 705 9.51 -0.51 -32.06
C SER A 705 9.47 -0.77 -33.56
N ASN A 706 9.83 -1.99 -33.98
CA ASN A 706 9.94 -2.24 -35.41
C ASN A 706 8.65 -1.95 -36.15
N VAL A 707 7.50 -2.03 -35.48
CA VAL A 707 6.23 -1.82 -36.15
C VAL A 707 5.81 -0.36 -36.16
N CYS A 708 6.27 0.43 -35.20
CA CYS A 708 5.81 1.80 -35.08
C CYS A 708 6.24 2.63 -36.29
N HIS A 709 5.53 3.73 -36.50
CA HIS A 709 5.85 4.67 -37.57
C HIS A 709 5.87 6.12 -37.13
N ASN A 710 5.28 6.46 -35.98
CA ASN A 710 5.35 7.81 -35.45
C ASN A 710 6.77 8.06 -34.98
N LEU A 711 7.58 8.68 -35.84
CA LEU A 711 8.99 8.83 -35.54
C LEU A 711 9.20 9.46 -34.17
N GLU A 712 8.31 10.37 -33.78
CA GLU A 712 8.39 10.94 -32.45
C GLU A 712 8.39 9.84 -31.39
N VAL A 713 7.47 8.89 -31.49
CA VAL A 713 7.33 7.88 -30.46
C VAL A 713 8.52 6.93 -30.48
N LYS A 714 8.97 6.52 -31.66
CA LYS A 714 10.13 5.63 -31.74
C LYS A 714 11.33 6.29 -31.09
N GLN A 715 11.62 7.53 -31.48
CA GLN A 715 12.72 8.24 -30.85
C GLN A 715 12.51 8.34 -29.35
N LEU A 716 11.26 8.56 -28.92
CA LEU A 716 11.00 8.74 -27.51
C LEU A 716 11.32 7.49 -26.72
N GLN A 717 10.88 6.32 -27.21
CA GLN A 717 11.16 5.10 -26.45
C GLN A 717 12.62 4.73 -26.52
N ARG A 718 13.27 4.94 -27.67
CA ARG A 718 14.70 4.66 -27.72
C ARG A 718 15.43 5.50 -26.68
N LYS A 719 15.10 6.79 -26.60
CA LYS A 719 15.74 7.63 -25.61
C LYS A 719 15.38 7.19 -24.19
N LEU A 720 14.12 6.83 -23.96
CA LEU A 720 13.71 6.41 -22.64
C LEU A 720 14.48 5.19 -22.18
N TYR A 721 14.52 4.15 -23.01
CA TYR A 721 15.27 2.96 -22.66
C TYR A 721 16.74 3.29 -22.43
N GLU A 722 17.34 4.06 -23.33
CA GLU A 722 18.74 4.39 -23.17
C GLU A 722 18.98 5.21 -21.91
N CYS A 723 17.94 5.87 -21.38
CA CYS A 723 18.10 6.64 -20.16
C CYS A 723 17.87 5.80 -18.92
N CYS A 724 16.98 4.81 -18.99
CA CYS A 724 16.69 4.01 -17.82
C CYS A 724 17.86 3.12 -17.45
N TYR A 725 18.26 2.23 -18.36
CA TYR A 725 19.19 1.17 -18.04
C TYR A 725 20.61 1.44 -18.50
N ARG A 726 20.79 2.12 -19.62
CA ARG A 726 22.11 2.26 -20.24
C ARG A 726 22.76 3.60 -19.94
N SER A 727 22.48 4.17 -18.78
CA SER A 727 23.11 5.43 -18.40
C SER A 727 22.96 5.63 -16.90
N THR A 728 23.77 6.53 -16.36
CA THR A 728 23.78 6.80 -14.93
C THR A 728 22.90 7.98 -14.53
N THR A 729 23.13 9.14 -15.14
CA THR A 729 22.39 10.35 -14.83
C THR A 729 21.36 10.59 -15.92
N VAL A 730 20.12 10.82 -15.52
CA VAL A 730 19.03 11.03 -16.47
C VAL A 730 19.15 12.43 -17.03
N ASP A 731 19.08 12.54 -18.35
CA ASP A 731 19.20 13.84 -19.00
C ASP A 731 17.90 14.61 -18.86
N ASP A 732 17.99 15.80 -18.26
CA ASP A 732 16.80 16.62 -18.10
C ASP A 732 16.11 16.87 -19.43
N GLN A 733 16.88 16.92 -20.53
CA GLN A 733 16.28 17.14 -21.83
C GLN A 733 15.21 16.11 -22.12
N PHE A 734 15.54 14.83 -21.96
CA PHE A 734 14.55 13.80 -22.21
C PHE A 734 13.38 13.93 -21.25
N VAL A 735 13.66 14.27 -19.99
CA VAL A 735 12.59 14.35 -19.01
C VAL A 735 11.59 15.41 -19.42
N VAL A 736 12.06 16.58 -19.84
CA VAL A 736 11.14 17.63 -20.23
C VAL A 736 10.41 17.25 -21.51
N GLU A 737 11.11 16.59 -22.45
CA GLU A 737 10.43 16.17 -23.66
C GLU A 737 9.30 15.20 -23.33
N TYR A 738 9.55 14.27 -22.42
CA TYR A 738 8.53 13.28 -22.07
C TYR A 738 7.41 13.93 -21.29
N TYR A 739 7.73 14.87 -20.41
CA TYR A 739 6.70 15.62 -19.71
C TYR A 739 5.76 16.28 -20.70
N GLY A 740 6.33 16.95 -21.70
CA GLY A 740 5.50 17.55 -22.74
C GLY A 740 4.68 16.51 -23.48
N TYR A 741 5.29 15.38 -23.82
CA TYR A 741 4.56 14.36 -24.57
C TYR A 741 3.38 13.85 -23.77
N LEU A 742 3.57 13.60 -22.48
CA LEU A 742 2.47 13.15 -21.64
C LEU A 742 1.38 14.20 -21.58
N ARG A 743 1.76 15.46 -21.35
CA ARG A 743 0.76 16.51 -21.28
C ARG A 743 0.05 16.70 -22.62
N LYS A 744 0.60 16.17 -23.70
CA LYS A 744 0.00 16.37 -25.00
C LYS A 744 -0.96 15.24 -25.40
N HIS A 745 -0.86 14.07 -24.79
CA HIS A 745 -1.76 12.97 -25.12
C HIS A 745 -2.28 12.20 -23.93
N PHE A 746 -1.82 12.49 -22.72
CA PHE A 746 -2.27 11.79 -21.52
C PHE A 746 -2.39 12.83 -20.42
N SER A 747 -3.57 13.43 -20.31
CA SER A 747 -3.80 14.51 -19.37
C SER A 747 -4.44 13.96 -18.10
N MET A 748 -3.93 14.41 -16.95
CA MET A 748 -4.34 13.88 -15.66
C MET A 748 -4.93 14.98 -14.80
N MET A 749 -5.97 14.63 -14.06
CA MET A 749 -6.55 15.48 -13.04
C MET A 749 -6.68 14.64 -11.78
N ILE A 750 -5.85 14.93 -10.79
CA ILE A 750 -5.68 14.08 -9.62
C ILE A 750 -6.12 14.84 -8.38
N LEU A 751 -6.96 14.20 -7.57
CA LEU A 751 -7.37 14.74 -6.28
C LEU A 751 -7.06 13.69 -5.22
N SER A 752 -6.09 13.98 -4.36
CA SER A 752 -5.70 13.05 -3.32
C SER A 752 -5.39 11.69 -3.91
N ASP A 753 -6.34 10.76 -3.86
CA ASP A 753 -6.13 9.41 -4.37
C ASP A 753 -7.18 9.01 -5.40
N ASP A 754 -7.75 9.97 -6.11
CA ASP A 754 -8.66 9.68 -7.20
C ASP A 754 -8.51 10.72 -8.28
N GLY A 755 -8.82 10.33 -9.51
CA GLY A 755 -8.64 11.26 -10.62
C GLY A 755 -9.25 10.71 -11.88
N VAL A 756 -9.18 11.52 -12.93
CA VAL A 756 -9.68 11.16 -14.24
C VAL A 756 -8.59 11.48 -15.26
N VAL A 757 -8.62 10.77 -16.37
CA VAL A 757 -7.61 10.90 -17.41
C VAL A 757 -8.29 11.00 -18.76
N CYS A 758 -7.85 11.95 -19.56
CA CYS A 758 -8.37 12.19 -20.90
C CYS A 758 -7.26 11.88 -21.88
N TYR A 759 -7.14 10.62 -22.27
CA TYR A 759 -6.03 10.19 -23.10
C TYR A 759 -6.48 10.14 -24.56
N ASN A 760 -5.52 10.38 -25.45
CA ASN A 760 -5.80 10.22 -26.87
C ASN A 760 -6.12 8.77 -27.16
N ASN A 761 -7.20 8.54 -27.90
CA ASN A 761 -7.63 7.18 -28.14
C ASN A 761 -6.66 6.44 -29.06
N ASP A 762 -6.15 7.13 -30.08
CA ASP A 762 -5.28 6.46 -31.04
C ASP A 762 -3.99 6.00 -30.39
N TYR A 763 -3.30 6.91 -29.69
CA TYR A 763 -2.04 6.55 -29.07
C TYR A 763 -2.23 5.48 -28.00
N ALA A 764 -3.41 5.41 -27.41
CA ALA A 764 -3.68 4.35 -26.45
C ALA A 764 -3.91 3.02 -27.17
N SER A 765 -4.64 3.04 -28.28
CA SER A 765 -4.96 1.79 -28.96
C SER A 765 -3.69 1.09 -29.44
N LEU A 766 -2.74 1.83 -29.97
CA LEU A 766 -1.48 1.26 -30.40
C LEU A 766 -0.49 1.12 -29.26
N GLY A 767 -0.94 1.27 -28.02
CA GLY A 767 -0.07 1.04 -26.90
C GLY A 767 0.98 2.11 -26.68
N TYR A 768 0.76 3.33 -27.17
CA TYR A 768 1.72 4.40 -26.95
C TYR A 768 1.45 5.17 -25.67
N VAL A 769 0.35 4.91 -24.98
CA VAL A 769 0.04 5.55 -23.71
C VAL A 769 -0.77 4.59 -22.87
N ALA A 770 -0.82 4.86 -21.57
CA ALA A 770 -1.27 3.88 -20.59
C ALA A 770 -2.78 3.75 -20.63
N ASP A 771 -3.27 2.71 -21.30
CA ASP A 771 -4.67 2.33 -21.22
C ASP A 771 -4.93 1.68 -19.86
N LEU A 772 -6.18 1.29 -19.62
CA LEU A 772 -6.50 0.62 -18.36
C LEU A 772 -5.61 -0.58 -18.10
N ASN A 773 -5.42 -1.43 -19.10
CA ASN A 773 -4.62 -2.63 -18.89
C ASN A 773 -3.27 -2.29 -18.29
N ALA A 774 -2.70 -1.16 -18.71
CA ALA A 774 -1.44 -0.72 -18.12
C ALA A 774 -1.61 -0.50 -16.62
N PHE A 775 -2.71 0.12 -16.22
CA PHE A 775 -2.94 0.34 -14.79
C PHE A 775 -3.12 -0.97 -14.06
N LYS A 776 -3.86 -1.90 -14.65
CA LYS A 776 -3.97 -3.22 -14.03
C LYS A 776 -2.59 -3.77 -13.74
N ALA A 777 -1.72 -3.76 -14.75
CA ALA A 777 -0.39 -4.34 -14.57
C ALA A 777 0.39 -3.61 -13.48
N VAL A 778 0.40 -2.28 -13.53
CA VAL A 778 1.24 -1.53 -12.61
C VAL A 778 0.75 -1.70 -11.18
N LEU A 779 -0.56 -1.57 -10.97
CA LEU A 779 -1.08 -1.82 -9.64
C LEU A 779 -0.76 -3.22 -9.18
N TYR A 780 -0.80 -4.20 -10.09
CA TYR A 780 -0.52 -5.56 -9.69
C TYR A 780 0.89 -5.70 -9.16
N TYR A 781 1.89 -5.25 -9.91
CA TYR A 781 3.25 -5.58 -9.49
C TYR A 781 3.91 -4.48 -8.67
N GLN A 782 3.25 -3.35 -8.44
CA GLN A 782 3.83 -2.29 -7.65
C GLN A 782 2.99 -1.94 -6.44
N ASN A 783 1.68 -1.77 -6.62
CA ASN A 783 0.79 -1.60 -5.48
C ASN A 783 0.48 -2.93 -4.83
N ASN A 784 0.76 -4.05 -5.50
CA ASN A 784 0.55 -5.37 -4.95
C ASN A 784 -0.91 -5.65 -4.67
N VAL A 785 -1.81 -5.03 -5.42
CA VAL A 785 -3.23 -5.32 -5.34
C VAL A 785 -3.79 -5.31 -6.75
N PHE A 786 -4.99 -5.83 -6.88
CA PHE A 786 -5.61 -6.05 -8.18
C PHE A 786 -6.78 -5.09 -8.36
N MET A 787 -6.77 -4.34 -9.46
CA MET A 787 -7.82 -3.37 -9.73
C MET A 787 -8.97 -4.09 -10.40
N SER A 788 -9.99 -4.42 -9.61
CA SER A 788 -11.14 -5.13 -10.16
C SER A 788 -11.75 -4.32 -11.30
N ALA A 789 -11.92 -4.98 -12.45
CA ALA A 789 -12.35 -4.26 -13.64
C ALA A 789 -13.69 -3.57 -13.46
N SER A 790 -14.50 -4.02 -12.50
CA SER A 790 -15.81 -3.42 -12.31
C SER A 790 -15.71 -1.95 -11.89
N LYS A 791 -14.82 -1.63 -10.98
CA LYS A 791 -14.80 -0.30 -10.38
C LYS A 791 -14.26 0.77 -11.30
N CYS A 792 -13.26 0.45 -12.12
CA CYS A 792 -12.79 1.41 -13.11
C CYS A 792 -13.83 1.57 -14.21
N TRP A 793 -13.49 2.36 -15.23
CA TRP A 793 -14.44 2.64 -16.30
C TRP A 793 -13.75 3.47 -17.36
N ILE A 794 -14.38 3.52 -18.55
CA ILE A 794 -13.93 4.36 -19.64
C ILE A 794 -15.14 5.06 -20.22
N GLU A 795 -14.88 6.16 -20.93
CA GLU A 795 -15.93 6.97 -21.52
C GLU A 795 -15.47 7.44 -22.90
N PRO A 796 -15.93 6.81 -23.98
CA PRO A 796 -15.49 7.18 -25.32
C PRO A 796 -16.13 8.44 -25.89
N ASP A 797 -16.80 9.25 -25.07
CA ASP A 797 -17.35 10.53 -25.52
C ASP A 797 -17.21 11.53 -24.38
N ILE A 798 -16.45 12.60 -24.60
CA ILE A 798 -16.24 13.59 -23.56
C ILE A 798 -17.54 14.30 -23.21
N ASN A 799 -18.43 14.47 -24.19
CA ASN A 799 -19.66 15.22 -23.93
C ASN A 799 -20.35 14.73 -22.67
N LYS A 800 -20.49 13.41 -22.54
CA LYS A 800 -21.12 12.86 -21.35
C LYS A 800 -20.29 13.10 -20.10
N GLY A 801 -19.01 13.46 -20.26
CA GLY A 801 -18.17 13.74 -19.12
C GLY A 801 -17.84 12.47 -18.36
N PRO A 802 -17.05 12.60 -17.29
CA PRO A 802 -16.65 11.43 -16.52
C PRO A 802 -17.86 10.70 -15.95
N HIS A 803 -17.76 9.37 -15.88
CA HIS A 803 -18.80 8.59 -15.23
C HIS A 803 -18.86 8.92 -13.75
N GLU A 804 -17.74 9.21 -13.12
CA GLU A 804 -17.73 9.69 -11.75
C GLU A 804 -16.34 10.16 -11.40
N PHE A 805 -16.26 11.28 -10.70
CA PHE A 805 -15.01 11.78 -10.15
C PHE A 805 -15.30 12.37 -8.78
N CYS A 806 -14.46 12.06 -7.81
CA CYS A 806 -14.64 12.58 -6.47
C CYS A 806 -16.03 12.25 -5.96
N SER A 807 -16.50 11.04 -6.28
CA SER A 807 -17.76 10.52 -5.78
C SER A 807 -18.96 11.32 -6.27
N GLN A 808 -18.84 11.95 -7.43
CA GLN A 808 -19.94 12.72 -7.99
C GLN A 808 -19.97 12.55 -9.50
N HIS A 809 -21.16 12.35 -10.04
CA HIS A 809 -21.33 12.21 -11.48
C HIS A 809 -21.11 13.57 -12.12
N THR A 810 -21.35 13.66 -13.43
CA THR A 810 -21.28 14.93 -14.13
C THR A 810 -22.20 14.88 -15.34
N MET A 811 -22.86 15.99 -15.60
CA MET A 811 -23.78 16.11 -16.72
C MET A 811 -23.53 17.42 -17.45
N GLN A 812 -23.89 17.43 -18.73
CA GLN A 812 -23.68 18.56 -19.61
C GLN A 812 -25.01 19.24 -19.90
N ILE A 813 -25.04 20.56 -19.74
CA ILE A 813 -26.25 21.34 -19.93
C ILE A 813 -25.95 22.49 -20.88
N VAL A 814 -26.84 22.70 -21.84
CA VAL A 814 -26.69 23.75 -22.85
C VAL A 814 -27.67 24.87 -22.53
N ASP A 815 -27.15 26.07 -22.38
CA ASP A 815 -27.97 27.23 -22.02
C ASP A 815 -27.58 28.44 -22.84
N LYS A 816 -28.09 29.62 -22.48
CA LYS A 816 -27.59 30.85 -23.07
C LYS A 816 -26.09 30.99 -22.86
N ASP A 817 -25.61 30.55 -21.69
CA ASP A 817 -24.17 30.50 -21.44
C ASP A 817 -23.47 29.46 -22.29
N GLY A 818 -24.22 28.59 -22.96
CA GLY A 818 -23.65 27.53 -23.76
C GLY A 818 -23.61 26.21 -23.01
N THR A 819 -22.76 25.32 -23.52
CA THR A 819 -22.59 24.01 -22.90
C THR A 819 -21.58 24.09 -21.77
N TYR A 820 -21.93 23.52 -20.62
CA TYR A 820 -20.98 23.40 -19.53
C TYR A 820 -21.45 22.29 -18.62
N TYR A 821 -20.53 21.80 -17.79
CA TYR A 821 -20.76 20.60 -17.00
C TYR A 821 -21.15 20.97 -15.56
N LEU A 822 -21.97 20.12 -14.97
CA LEU A 822 -22.43 20.28 -13.60
C LEU A 822 -22.30 18.96 -12.86
N PRO A 823 -21.72 18.94 -11.67
CA PRO A 823 -21.76 17.71 -10.86
C PRO A 823 -23.12 17.53 -10.21
N TYR A 824 -23.42 16.29 -9.86
CA TYR A 824 -24.64 16.04 -9.11
C TYR A 824 -24.51 14.73 -8.32
N PRO A 825 -24.50 14.79 -6.99
CA PRO A 825 -24.31 13.55 -6.23
C PRO A 825 -25.41 12.56 -6.51
N ASP A 826 -25.19 11.33 -6.07
CA ASP A 826 -26.17 10.27 -6.25
C ASP A 826 -27.42 10.57 -5.44
N PRO A 827 -28.62 10.53 -6.02
CA PRO A 827 -29.80 10.92 -5.24
C PRO A 827 -29.96 10.12 -3.97
N SER A 828 -29.72 8.81 -4.03
CA SER A 828 -29.93 7.96 -2.87
C SER A 828 -29.04 8.39 -1.71
N ARG A 829 -27.79 8.74 -2.01
CA ARG A 829 -26.89 9.16 -0.96
C ARG A 829 -27.41 10.41 -0.25
N ILE A 830 -27.91 11.36 -1.03
CA ILE A 830 -28.41 12.60 -0.44
C ILE A 830 -29.64 12.32 0.42
N LEU A 831 -30.59 11.55 -0.11
CA LEU A 831 -31.77 11.21 0.68
C LEU A 831 -31.35 10.55 1.99
N SER A 832 -30.44 9.58 1.91
CA SER A 832 -30.01 8.89 3.11
C SER A 832 -29.40 9.85 4.10
N ALA A 833 -28.47 10.70 3.66
CA ALA A 833 -27.87 11.67 4.55
C ALA A 833 -28.93 12.52 5.20
N GLY A 834 -30.03 12.78 4.50
CA GLY A 834 -31.14 13.50 5.08
C GLY A 834 -31.86 12.72 6.16
N VAL A 835 -32.01 11.41 5.96
CA VAL A 835 -32.85 10.63 6.86
C VAL A 835 -32.12 10.33 8.17
N PHE A 836 -30.90 9.82 8.11
CA PHE A 836 -30.20 9.32 9.28
C PHE A 836 -29.21 10.35 9.78
N VAL A 837 -29.04 10.42 11.09
CA VAL A 837 -28.09 11.32 11.72
C VAL A 837 -27.27 10.54 12.74
N ASP A 838 -26.01 10.94 12.90
CA ASP A 838 -25.05 10.14 13.66
C ASP A 838 -25.52 9.94 15.10
N ASP A 839 -25.99 11.00 15.74
CA ASP A 839 -26.46 10.94 17.11
C ASP A 839 -27.78 11.69 17.21
N VAL A 840 -28.41 11.59 18.39
CA VAL A 840 -29.68 12.25 18.63
C VAL A 840 -29.53 13.73 18.32
N VAL A 841 -30.44 14.28 17.53
CA VAL A 841 -30.35 15.68 17.13
C VAL A 841 -30.31 16.55 18.38
N LYS A 842 -29.48 17.58 18.34
CA LYS A 842 -29.38 18.49 19.46
C LYS A 842 -30.69 19.27 19.61
N THR A 843 -30.80 19.97 20.75
CA THR A 843 -32.07 20.62 21.08
C THR A 843 -32.47 21.64 20.03
N ASP A 844 -31.53 22.43 19.54
CA ASP A 844 -31.85 23.51 18.60
C ASP A 844 -32.14 22.89 17.23
N ALA A 845 -33.38 23.08 16.76
CA ALA A 845 -33.74 22.61 15.43
C ALA A 845 -32.98 23.36 14.35
N VAL A 846 -32.40 24.51 14.67
CA VAL A 846 -31.66 25.27 13.67
C VAL A 846 -30.58 24.40 13.05
N VAL A 847 -29.93 23.56 13.85
CA VAL A 847 -28.94 22.65 13.32
C VAL A 847 -29.53 21.86 12.16
N LEU A 848 -30.77 21.42 12.30
CA LEU A 848 -31.45 20.73 11.21
C LEU A 848 -31.54 21.63 9.99
N LEU A 849 -31.79 22.93 10.20
CA LEU A 849 -31.88 23.84 9.07
C LEU A 849 -30.56 23.89 8.31
N GLU A 850 -29.44 23.97 9.03
CA GLU A 850 -28.15 23.96 8.35
C GLU A 850 -27.94 22.65 7.61
N ARG A 851 -28.24 21.53 8.26
CA ARG A 851 -28.07 20.24 7.60
C ARG A 851 -28.83 20.22 6.28
N TYR A 852 -30.10 20.57 6.32
CA TYR A 852 -30.95 20.43 5.15
C TYR A 852 -30.61 21.45 4.07
N VAL A 853 -30.25 22.67 4.46
CA VAL A 853 -29.87 23.65 3.45
C VAL A 853 -28.58 23.22 2.76
N SER A 854 -27.62 22.71 3.53
CA SER A 854 -26.39 22.24 2.91
C SER A 854 -26.67 21.08 1.97
N LEU A 855 -27.54 20.16 2.38
CA LEU A 855 -27.89 19.06 1.48
C LEU A 855 -28.55 19.58 0.21
N ALA A 856 -29.44 20.56 0.34
CA ALA A 856 -30.07 21.13 -0.84
C ALA A 856 -29.04 21.73 -1.77
N ILE A 857 -28.09 22.49 -1.21
CA ILE A 857 -27.02 23.06 -2.02
C ILE A 857 -26.29 21.96 -2.78
N ASP A 858 -25.93 20.89 -2.07
CA ASP A 858 -25.25 19.79 -2.74
C ASP A 858 -26.17 19.03 -3.70
N ALA A 859 -27.47 19.29 -3.65
CA ALA A 859 -28.43 18.57 -4.47
C ALA A 859 -29.04 19.43 -5.57
N TYR A 860 -28.75 20.72 -5.59
CA TYR A 860 -29.37 21.61 -6.58
C TYR A 860 -29.21 21.11 -8.00
N PRO A 861 -28.04 20.66 -8.44
CA PRO A 861 -27.88 20.33 -9.86
C PRO A 861 -28.89 19.34 -10.38
N LEU A 862 -29.41 18.45 -9.53
CA LEU A 862 -30.37 17.48 -10.02
C LEU A 862 -31.58 18.17 -10.64
N SER A 863 -31.83 19.42 -10.25
CA SER A 863 -32.94 20.15 -10.84
C SER A 863 -32.87 20.12 -12.36
N LYS A 864 -31.66 20.25 -12.91
CA LYS A 864 -31.49 20.21 -14.36
C LYS A 864 -31.48 18.80 -14.91
N HIS A 865 -31.40 17.78 -14.07
CA HIS A 865 -31.22 16.42 -14.54
C HIS A 865 -32.38 15.98 -15.42
N GLU A 866 -32.10 15.03 -16.30
CA GLU A 866 -33.11 14.56 -17.24
C GLU A 866 -34.18 13.72 -16.56
N ASN A 867 -33.77 12.79 -15.71
CA ASN A 867 -34.71 11.87 -15.08
C ASN A 867 -35.76 12.63 -14.28
N PRO A 868 -37.05 12.44 -14.56
CA PRO A 868 -38.06 13.16 -13.78
C PRO A 868 -37.95 12.90 -12.29
N GLU A 869 -37.67 11.65 -11.90
CA GLU A 869 -37.67 11.31 -10.49
C GLU A 869 -36.52 12.00 -9.77
N TYR A 870 -35.35 12.08 -10.41
CA TYR A 870 -34.23 12.77 -9.79
C TYR A 870 -34.60 14.22 -9.50
N LYS A 871 -35.24 14.88 -10.46
CA LYS A 871 -35.63 16.28 -10.25
C LYS A 871 -36.45 16.43 -8.99
N LYS A 872 -37.34 15.47 -8.72
CA LYS A 872 -38.16 15.55 -7.52
C LYS A 872 -37.30 15.68 -6.28
N VAL A 873 -36.11 15.10 -6.28
CA VAL A 873 -35.29 15.07 -5.08
C VAL A 873 -35.01 16.47 -4.59
N PHE A 874 -34.53 17.34 -5.48
CA PHE A 874 -34.16 18.68 -5.06
C PHE A 874 -35.38 19.45 -4.57
N TYR A 875 -36.46 19.43 -5.33
CA TYR A 875 -37.64 20.19 -4.94
C TYR A 875 -38.22 19.67 -3.63
N VAL A 876 -38.17 18.35 -3.42
CA VAL A 876 -38.69 17.80 -2.18
C VAL A 876 -37.86 18.29 -0.99
N LEU A 877 -36.55 18.31 -1.14
CA LEU A 877 -35.70 18.81 -0.07
C LEU A 877 -35.98 20.30 0.17
N LEU A 878 -36.20 21.04 -0.91
CA LEU A 878 -36.57 22.45 -0.78
C LEU A 878 -37.84 22.60 0.03
N ASP A 879 -38.85 21.80 -0.29
CA ASP A 879 -40.12 21.88 0.43
C ASP A 879 -39.93 21.53 1.89
N TRP A 880 -39.08 20.54 2.17
CA TRP A 880 -38.83 20.18 3.55
C TRP A 880 -38.19 21.32 4.31
N VAL A 881 -37.22 22.00 3.70
CA VAL A 881 -36.60 23.11 4.40
C VAL A 881 -37.60 24.24 4.58
N LYS A 882 -38.46 24.47 3.59
CA LYS A 882 -39.54 25.44 3.75
C LYS A 882 -40.36 25.12 4.98
N HIS A 883 -40.78 23.86 5.08
CA HIS A 883 -41.62 23.43 6.21
C HIS A 883 -40.88 23.62 7.53
N LEU A 884 -39.61 23.22 7.58
CA LEU A 884 -38.86 23.34 8.82
C LEU A 884 -38.76 24.78 9.25
N TYR A 885 -38.41 25.68 8.32
CA TYR A 885 -38.31 27.08 8.70
C TYR A 885 -39.66 27.61 9.15
N LYS A 886 -40.73 27.25 8.43
CA LYS A 886 -42.05 27.73 8.81
C LYS A 886 -42.40 27.31 10.23
N THR A 887 -42.10 26.06 10.58
CA THR A 887 -42.30 25.62 11.96
C THR A 887 -41.49 26.47 12.91
N LEU A 888 -40.37 27.01 12.45
CA LEU A 888 -39.54 27.89 13.25
C LEU A 888 -39.86 29.35 12.94
N THR A 905 -35.56 34.87 4.67
CA THR A 905 -35.96 33.54 4.24
C THR A 905 -35.49 33.27 2.82
N ALA A 906 -35.47 34.32 1.99
CA ALA A 906 -35.07 34.14 0.60
C ALA A 906 -33.70 33.50 0.51
N LYS A 907 -32.84 33.74 1.50
CA LYS A 907 -31.54 33.08 1.53
C LYS A 907 -31.70 31.57 1.50
N PHE A 908 -32.83 31.08 1.98
CA PHE A 908 -33.14 29.65 2.00
C PHE A 908 -34.40 29.31 1.22
N TRP A 909 -35.42 30.16 1.31
CA TRP A 909 -36.70 29.87 0.66
C TRP A 909 -36.52 29.68 -0.83
N ASP A 910 -35.75 30.56 -1.46
CA ASP A 910 -35.72 30.68 -2.92
C ASP A 910 -34.73 29.70 -3.52
N GLU A 911 -35.12 29.09 -4.65
CA GLU A 911 -34.21 28.22 -5.39
C GLU A 911 -33.07 29.03 -6.00
N SER A 912 -33.34 30.28 -6.39
CA SER A 912 -32.31 31.08 -7.05
C SER A 912 -31.06 31.15 -6.20
N PHE A 913 -31.20 31.12 -4.88
CA PHE A 913 -30.03 31.18 -4.02
C PHE A 913 -29.11 29.99 -4.27
N TYR A 914 -29.67 28.81 -4.47
CA TYR A 914 -28.87 27.68 -4.90
C TYR A 914 -28.43 27.82 -6.34
N ALA A 915 -29.23 28.51 -7.16
CA ALA A 915 -28.87 28.65 -8.57
C ALA A 915 -27.55 29.39 -8.72
N ASN A 916 -27.36 30.47 -7.96
CA ASN A 916 -26.14 31.25 -8.11
C ASN A 916 -24.90 30.46 -7.67
N MET A 917 -25.08 29.46 -6.81
CA MET A 917 -23.93 28.68 -6.35
C MET A 917 -23.25 27.98 -7.51
N TYR A 918 -23.99 27.66 -8.56
CA TYR A 918 -23.45 26.96 -9.72
C TYR A 918 -23.44 27.84 -10.96
N GLU A 919 -23.06 29.11 -10.79
CA GLU A 919 -22.93 30.03 -11.90
C GLU A 919 -21.56 30.68 -11.85
N LYS A 920 -20.97 30.90 -13.02
CA LYS A 920 -19.61 31.41 -13.07
C LYS A 920 -19.55 32.80 -12.45
N SER A 921 -18.47 33.04 -11.71
CA SER A 921 -18.24 34.33 -11.07
C SER A 921 -19.46 34.78 -10.29
N ARG B 1 -3.38 27.60 33.38
CA ARG B 1 -3.39 26.50 32.37
C ARG B 1 -2.00 25.95 32.15
N LYS B 2 -1.03 26.84 31.93
CA LYS B 2 0.34 26.42 31.68
C LYS B 2 0.89 25.63 32.86
N SER B 3 0.65 26.12 34.07
CA SER B 3 1.12 25.39 35.25
C SER B 3 0.42 24.04 35.39
N LYS B 4 -0.90 24.01 35.15
CA LYS B 4 -1.64 22.77 35.34
C LYS B 4 -1.20 21.69 34.36
N VAL B 5 -1.00 22.06 33.09
CA VAL B 5 -0.65 21.06 32.09
C VAL B 5 0.74 20.49 32.35
N VAL B 6 1.71 21.35 32.64
CA VAL B 6 3.06 20.87 32.88
C VAL B 6 3.12 20.04 34.16
N SER B 7 2.35 20.44 35.18
CA SER B 7 2.29 19.64 36.40
C SER B 7 1.68 18.27 36.14
N ALA B 8 0.62 18.22 35.34
CA ALA B 8 0.02 16.93 35.01
C ALA B 8 0.99 16.06 34.21
N MET B 9 1.74 16.67 33.30
CA MET B 9 2.75 15.93 32.55
C MET B 9 3.82 15.39 33.49
N HIS B 10 4.26 16.19 34.45
CA HIS B 10 5.21 15.72 35.44
C HIS B 10 4.65 14.54 36.21
N SER B 11 3.39 14.63 36.63
CA SER B 11 2.77 13.55 37.40
C SER B 11 2.70 12.27 36.58
N LEU B 12 2.28 12.36 35.32
CA LEU B 12 2.22 11.18 34.48
C LEU B 12 3.60 10.58 34.26
N LEU B 13 4.60 11.42 34.03
CA LEU B 13 5.96 10.92 33.84
C LEU B 13 6.46 10.20 35.09
N PHE B 14 6.18 10.76 36.27
CA PHE B 14 6.60 10.12 37.50
C PHE B 14 5.85 8.81 37.72
N GLY B 15 4.57 8.76 37.32
CA GLY B 15 3.85 7.50 37.39
C GLY B 15 4.48 6.44 36.49
N MET B 16 4.88 6.82 35.28
CA MET B 16 5.57 5.89 34.40
C MET B 16 6.85 5.39 35.05
N LEU B 17 7.65 6.31 35.60
CA LEU B 17 8.84 5.88 36.33
C LEU B 17 8.48 4.89 37.43
N ARG B 18 7.38 5.15 38.13
CA ARG B 18 6.96 4.26 39.21
C ARG B 18 6.66 2.86 38.69
N ARG B 19 5.99 2.75 37.55
CA ARG B 19 5.63 1.46 36.98
C ARG B 19 6.65 0.97 35.95
N LEU B 20 7.87 1.49 35.99
CA LEU B 20 8.82 1.21 34.91
C LEU B 20 9.46 -0.18 35.04
N ASP B 21 9.57 -0.71 36.26
CA ASP B 21 10.33 -1.94 36.49
C ASP B 21 11.78 -1.72 36.08
N MET B 22 12.41 -0.77 36.77
CA MET B 22 13.68 -0.21 36.32
C MET B 22 14.78 -1.28 36.30
N SER B 23 14.87 -2.08 37.36
CA SER B 23 15.99 -3.01 37.49
C SER B 23 15.98 -4.06 36.37
N SER B 24 14.81 -4.60 36.05
CA SER B 24 14.74 -5.66 35.06
C SER B 24 15.28 -5.20 33.71
N VAL B 25 14.98 -3.96 33.33
CA VAL B 25 15.40 -3.47 32.02
C VAL B 25 16.93 -3.43 31.93
N ASP B 26 17.58 -2.83 32.92
CA ASP B 26 19.02 -2.65 32.84
C ASP B 26 19.75 -3.99 32.84
N THR B 27 19.24 -4.96 33.59
CA THR B 27 19.89 -6.27 33.65
C THR B 27 20.05 -6.89 32.28
N ILE B 28 19.14 -6.60 31.34
CA ILE B 28 19.25 -7.11 29.98
C ILE B 28 19.63 -6.02 28.99
N LEU B 29 19.34 -4.76 29.30
CA LEU B 29 19.60 -3.69 28.34
C LEU B 29 21.08 -3.56 28.03
N ASN B 30 21.93 -3.63 29.05
CA ASN B 30 23.35 -3.34 28.86
C ASN B 30 24.13 -4.51 28.27
N LEU B 31 23.51 -5.67 28.06
CA LEU B 31 24.19 -6.74 27.35
C LEU B 31 24.31 -6.47 25.85
N ALA B 32 23.29 -5.86 25.26
CA ALA B 32 23.27 -5.67 23.82
C ALA B 32 24.36 -4.68 23.39
N LYS B 33 24.44 -4.44 22.09
CA LYS B 33 25.44 -3.52 21.55
C LYS B 33 25.23 -2.13 22.13
N ASP B 34 26.27 -1.61 22.80
CA ASP B 34 26.22 -0.26 23.36
C ASP B 34 24.96 -0.05 24.20
N GLY B 35 24.45 -1.13 24.79
CA GLY B 35 23.26 -1.04 25.62
C GLY B 35 22.06 -0.49 24.89
N VAL B 36 21.87 -0.87 23.64
CA VAL B 36 20.77 -0.37 22.82
C VAL B 36 19.91 -1.55 22.41
N VAL B 37 18.63 -1.51 22.77
CA VAL B 37 17.69 -2.58 22.48
C VAL B 37 16.45 -1.98 21.86
N PRO B 38 15.89 -2.58 20.81
CA PRO B 38 14.68 -2.01 20.22
C PRO B 38 13.59 -1.90 21.25
N LEU B 39 12.88 -0.77 21.24
CA LEU B 39 11.77 -0.59 22.16
C LEU B 39 10.68 -1.61 21.91
N SER B 40 10.65 -2.20 20.72
CA SER B 40 9.57 -3.12 20.36
C SER B 40 9.66 -4.44 21.11
N VAL B 41 10.72 -4.71 21.84
CA VAL B 41 10.89 -6.01 22.49
C VAL B 41 11.25 -5.87 23.95
N ILE B 42 11.48 -4.64 24.42
CA ILE B 42 11.89 -4.45 25.81
C ILE B 42 10.89 -5.03 26.79
N PRO B 43 9.57 -4.88 26.62
CA PRO B 43 8.68 -5.47 27.62
C PRO B 43 8.71 -6.99 27.60
N ALA B 44 8.70 -7.59 26.40
CA ALA B 44 8.68 -9.04 26.31
C ALA B 44 9.87 -9.66 27.01
N VAL B 45 10.97 -8.93 27.12
CA VAL B 45 12.16 -9.49 27.76
C VAL B 45 12.29 -9.05 29.22
N SER B 46 11.71 -7.91 29.60
CA SER B 46 11.87 -7.40 30.95
C SER B 46 10.58 -7.39 31.76
N ALA B 47 9.42 -7.41 31.12
CA ALA B 47 8.17 -7.33 31.85
C ALA B 47 7.98 -8.56 32.73
N THR B 48 7.19 -8.40 33.79
CA THR B 48 6.90 -9.50 34.70
C THR B 48 5.57 -10.18 34.38
N LYS B 49 4.56 -9.40 34.02
CA LYS B 49 3.25 -9.92 33.68
C LYS B 49 3.10 -9.96 32.17
N LEU B 50 2.42 -11.00 31.68
CA LEU B 50 2.17 -11.16 30.25
C LEU B 50 0.69 -11.42 30.05
N ASN B 51 0.08 -10.67 29.13
CA ASN B 51 -1.30 -10.89 28.74
C ASN B 51 -1.33 -11.36 27.29
N ILE B 52 -2.20 -12.31 27.00
CA ILE B 52 -2.37 -12.83 25.65
C ILE B 52 -3.86 -12.92 25.35
N VAL B 53 -4.23 -12.61 24.11
CA VAL B 53 -5.61 -12.59 23.66
C VAL B 53 -5.76 -13.69 22.62
N THR B 54 -6.37 -14.79 23.01
CA THR B 54 -6.60 -15.90 22.10
C THR B 54 -7.76 -15.61 21.17
N SER B 55 -7.82 -16.35 20.07
CA SER B 55 -8.94 -16.24 19.14
C SER B 55 -9.97 -17.34 19.32
N ASP B 56 -9.55 -18.50 19.83
CA ASP B 56 -10.45 -19.62 20.08
C ASP B 56 -9.70 -20.66 20.87
N ILE B 57 -10.37 -21.77 21.16
CA ILE B 57 -9.76 -22.82 21.97
C ILE B 57 -8.50 -23.38 21.32
N ASP B 58 -8.46 -23.38 19.99
CA ASP B 58 -7.29 -23.94 19.30
C ASP B 58 -6.04 -23.12 19.60
N SER B 59 -6.17 -21.80 19.63
CA SER B 59 -5.05 -20.97 20.04
C SER B 59 -4.64 -21.27 21.47
N TYR B 60 -5.62 -21.46 22.35
CA TYR B 60 -5.31 -21.90 23.71
C TYR B 60 -4.46 -23.16 23.68
N ASN B 61 -4.85 -24.14 22.87
CA ASN B 61 -4.10 -25.38 22.80
C ASN B 61 -2.67 -25.13 22.34
N ARG B 62 -2.50 -24.36 21.27
CA ARG B 62 -1.15 -24.13 20.75
C ARG B 62 -0.28 -23.40 21.77
N ILE B 63 -0.82 -22.36 22.40
CA ILE B 63 0.03 -21.46 23.17
C ILE B 63 0.54 -22.14 24.43
N GLN B 64 -0.33 -22.84 25.16
CA GLN B 64 0.04 -23.50 26.40
C GLN B 64 -0.15 -25.00 26.24
N ARG B 65 0.62 -25.75 27.02
CA ARG B 65 0.54 -27.20 27.04
C ARG B 65 0.13 -27.75 28.40
N GLU B 66 0.59 -27.15 29.49
CA GLU B 66 0.27 -27.64 30.83
C GLU B 66 -0.02 -26.47 31.75
N GLY B 67 -0.72 -25.46 31.24
CA GLY B 67 -0.96 -24.26 32.01
C GLY B 67 0.16 -23.26 32.00
N CYS B 68 1.19 -23.49 31.20
CA CYS B 68 2.30 -22.56 31.06
C CYS B 68 2.53 -22.29 29.58
N VAL B 69 3.20 -21.17 29.31
CA VAL B 69 3.39 -20.68 27.95
C VAL B 69 4.85 -20.31 27.75
N HIS B 70 5.36 -20.60 26.56
CA HIS B 70 6.73 -20.25 26.18
C HIS B 70 6.67 -19.07 25.21
N TYR B 71 7.39 -18.01 25.54
CA TYR B 71 7.36 -16.80 24.73
C TYR B 71 8.65 -16.03 24.98
N ALA B 72 9.22 -15.49 23.91
CA ALA B 72 10.43 -14.67 24.01
C ALA B 72 11.52 -15.41 24.79
N GLY B 73 11.66 -16.70 24.49
CA GLY B 73 12.68 -17.49 25.17
C GLY B 73 12.50 -17.55 26.66
N THR B 74 11.25 -17.58 27.13
CA THR B 74 10.97 -17.69 28.56
C THR B 74 9.65 -18.43 28.74
N ILE B 75 9.48 -18.99 29.93
CA ILE B 75 8.29 -19.77 30.26
C ILE B 75 7.36 -18.92 31.11
N TRP B 76 6.08 -18.96 30.78
CA TRP B 76 5.08 -18.12 31.41
C TRP B 76 3.95 -19.01 31.94
N ASN B 77 3.58 -18.81 33.20
CA ASN B 77 2.51 -19.60 33.80
C ASN B 77 1.21 -18.81 33.76
N ILE B 78 0.12 -19.52 33.45
CA ILE B 78 -1.20 -18.90 33.36
C ILE B 78 -1.78 -18.78 34.76
N ILE B 79 -2.05 -17.54 35.18
CA ILE B 79 -2.59 -17.30 36.52
C ILE B 79 -4.11 -17.20 36.49
N ASP B 80 -4.65 -16.28 35.69
CA ASP B 80 -6.08 -16.07 35.63
C ASP B 80 -6.49 -15.94 34.17
N ILE B 81 -7.74 -16.29 33.89
CA ILE B 81 -8.30 -16.26 32.55
C ILE B 81 -9.58 -15.42 32.58
N LYS B 82 -9.65 -14.44 31.68
CA LYS B 82 -10.83 -13.60 31.53
C LYS B 82 -11.41 -13.80 30.13
N ASP B 83 -12.73 -13.77 30.04
CA ASP B 83 -13.39 -13.84 28.75
C ASP B 83 -13.64 -12.43 28.23
N ASN B 84 -14.42 -12.29 27.16
CA ASN B 84 -14.72 -10.98 26.62
C ASN B 84 -15.30 -10.07 27.69
N ASP B 85 -16.27 -10.55 28.44
CA ASP B 85 -16.99 -9.73 29.39
C ASP B 85 -16.18 -9.38 30.62
N GLY B 86 -14.99 -9.96 30.78
CA GLY B 86 -14.18 -9.71 31.96
C GLY B 86 -14.54 -10.57 33.15
N LYS B 87 -15.55 -11.43 33.03
CA LYS B 87 -15.89 -12.33 34.12
C LYS B 87 -14.83 -13.40 34.26
N VAL B 88 -14.63 -13.86 35.51
CA VAL B 88 -13.68 -14.93 35.75
C VAL B 88 -14.13 -16.19 35.04
N VAL B 89 -13.19 -16.87 34.40
CA VAL B 89 -13.45 -18.17 33.79
C VAL B 89 -12.35 -19.11 34.28
N HIS B 90 -12.74 -20.20 34.92
CA HIS B 90 -11.78 -21.12 35.49
C HIS B 90 -11.27 -22.09 34.44
N VAL B 91 -10.09 -22.66 34.70
CA VAL B 91 -9.42 -23.50 33.71
C VAL B 91 -10.26 -24.73 33.40
N LYS B 92 -11.12 -25.15 34.34
CA LYS B 92 -11.91 -26.35 34.09
C LYS B 92 -12.79 -26.20 32.86
N GLU B 93 -13.42 -25.04 32.71
CA GLU B 93 -14.37 -24.85 31.61
C GLU B 93 -13.65 -24.80 30.27
N VAL B 94 -12.58 -24.02 30.18
CA VAL B 94 -11.89 -23.84 28.91
C VAL B 94 -11.32 -25.18 28.44
N THR B 95 -10.72 -25.94 29.35
CA THR B 95 -10.16 -27.23 28.97
C THR B 95 -11.21 -28.13 28.33
N ALA B 96 -12.39 -28.20 28.94
CA ALA B 96 -13.46 -29.02 28.39
C ALA B 96 -13.88 -28.49 27.02
N GLN B 97 -14.26 -29.41 26.14
CA GLN B 97 -14.73 -29.03 24.82
C GLN B 97 -15.95 -28.12 24.88
N ASN B 98 -16.71 -28.18 25.98
CA ASN B 98 -17.91 -27.36 26.11
C ASN B 98 -17.64 -25.87 25.95
N ALA B 99 -16.37 -25.45 25.93
CA ALA B 99 -16.04 -24.05 25.74
C ALA B 99 -16.64 -23.49 24.45
N GLU B 100 -17.11 -24.35 23.55
CA GLU B 100 -17.79 -23.86 22.35
C GLU B 100 -18.88 -22.87 22.73
N SER B 101 -19.60 -23.15 23.82
CA SER B 101 -20.66 -22.26 24.29
C SER B 101 -20.12 -20.97 24.90
N LEU B 102 -18.81 -20.87 25.12
CA LEU B 102 -18.23 -19.72 25.78
C LEU B 102 -17.77 -18.68 24.76
N SER B 103 -17.71 -17.43 25.20
CA SER B 103 -17.21 -16.36 24.35
C SER B 103 -15.78 -16.65 23.94
N TRP B 104 -15.46 -16.46 22.66
CA TRP B 104 -14.22 -17.02 22.12
C TRP B 104 -12.98 -16.25 22.56
N PRO B 105 -12.86 -14.94 22.31
CA PRO B 105 -11.56 -14.30 22.55
C PRO B 105 -11.20 -14.21 24.02
N LEU B 106 -10.81 -15.35 24.59
CA LEU B 106 -10.33 -15.37 25.96
C LEU B 106 -9.02 -14.60 26.06
N VAL B 107 -8.82 -13.94 27.20
CA VAL B 107 -7.58 -13.25 27.49
C VAL B 107 -7.01 -13.83 28.78
N LEU B 108 -5.73 -14.16 28.77
CA LEU B 108 -5.07 -14.84 29.87
C LEU B 108 -4.04 -13.92 30.51
N GLY B 109 -4.07 -13.84 31.84
CA GLY B 109 -3.06 -13.08 32.57
C GLY B 109 -1.95 -13.98 33.04
N CYS B 110 -0.81 -13.94 32.37
CA CYS B 110 0.31 -14.83 32.64
C CYS B 110 1.42 -14.07 33.34
N GLU B 111 2.21 -14.80 34.12
CA GLU B 111 3.27 -14.22 34.93
C GLU B 111 4.57 -14.97 34.67
N ARG B 112 5.69 -14.25 34.75
CA ARG B 112 6.99 -14.85 34.47
C ARG B 112 7.42 -15.78 35.60
N ILE B 113 7.82 -17.00 35.24
CA ILE B 113 8.47 -17.92 36.17
C ILE B 113 9.84 -18.26 35.61
N VAL B 114 10.87 -18.04 36.41
CA VAL B 114 12.24 -18.27 35.98
C VAL B 114 12.68 -19.67 36.39
N LYS C 1 -41.71 -0.19 1.24
CA LYS C 1 -41.74 -1.44 2.06
C LYS C 1 -40.37 -1.69 2.68
N LEU C 2 -39.38 -1.93 1.82
CA LEU C 2 -38.02 -2.17 2.29
C LEU C 2 -37.58 -1.06 3.24
N THR C 3 -37.71 0.18 2.78
CA THR C 3 -37.36 1.33 3.61
C THR C 3 -38.12 1.29 4.93
N ASP C 4 -39.41 0.94 4.85
CA ASP C 4 -40.24 0.91 6.05
C ASP C 4 -39.63 -0.01 7.10
N ILE C 5 -39.34 -1.24 6.70
CA ILE C 5 -38.68 -2.17 7.61
C ILE C 5 -37.23 -1.78 7.83
N LYS C 6 -36.56 -1.32 6.77
CA LYS C 6 -35.13 -1.02 6.88
C LYS C 6 -34.88 0.06 7.92
N CYS C 7 -35.66 1.15 7.88
CA CYS C 7 -35.53 2.16 8.91
C CYS C 7 -35.95 1.60 10.26
N SER C 8 -37.00 0.78 10.29
CA SER C 8 -37.52 0.27 11.54
C SER C 8 -36.45 -0.45 12.35
N ASN C 9 -35.46 -1.04 11.68
CA ASN C 9 -34.42 -1.74 12.42
C ASN C 9 -33.61 -0.77 13.27
N VAL C 10 -33.32 0.41 12.74
CA VAL C 10 -32.43 1.34 13.41
C VAL C 10 -32.96 1.69 14.79
N VAL C 11 -34.26 1.97 14.88
CA VAL C 11 -34.84 2.33 16.18
C VAL C 11 -34.67 1.18 17.16
N LEU C 12 -34.78 -0.06 16.67
CA LEU C 12 -34.67 -1.21 17.55
C LEU C 12 -33.30 -1.24 18.23
N LEU C 13 -32.23 -1.08 17.45
CA LEU C 13 -30.90 -1.05 18.04
C LEU C 13 -30.78 0.08 19.05
N GLY C 14 -31.28 1.26 18.70
CA GLY C 14 -31.25 2.36 19.65
C GLY C 14 -31.91 2.01 20.95
N CYS C 15 -33.06 1.33 20.88
CA CYS C 15 -33.70 0.85 22.10
C CYS C 15 -32.77 -0.08 22.85
N LEU C 16 -32.17 -1.04 22.14
CA LEU C 16 -31.24 -1.96 22.79
C LEU C 16 -30.04 -1.21 23.34
N SER C 17 -29.47 -0.29 22.56
CA SER C 17 -28.29 0.44 22.99
C SER C 17 -28.53 1.11 24.34
N SER C 18 -29.74 1.63 24.56
CA SER C 18 -30.06 2.22 25.84
C SER C 18 -29.97 1.21 26.97
N MET C 19 -30.19 -0.07 26.66
CA MET C 19 -30.20 -1.13 27.66
C MET C 19 -28.83 -1.75 27.88
N ASN C 20 -27.75 -1.04 27.50
CA ASN C 20 -26.38 -1.52 27.63
C ASN C 20 -26.26 -3.00 27.29
N VAL C 21 -26.96 -3.43 26.25
CA VAL C 21 -26.91 -4.83 25.83
C VAL C 21 -25.51 -5.24 25.44
N SER C 22 -24.63 -4.28 25.18
CA SER C 22 -23.25 -4.59 24.83
C SER C 22 -22.47 -5.19 25.99
N ALA C 23 -23.02 -5.16 27.21
CA ALA C 23 -22.32 -5.74 28.35
C ALA C 23 -21.93 -7.18 28.08
N ASN C 24 -22.77 -7.92 27.37
CA ASN C 24 -22.44 -9.26 26.90
C ASN C 24 -22.15 -9.19 25.41
N SER C 25 -20.98 -9.71 25.02
CA SER C 25 -20.55 -9.56 23.63
C SER C 25 -21.40 -10.39 22.68
N THR C 26 -21.84 -11.57 23.10
CA THR C 26 -22.51 -12.48 22.18
C THR C 26 -23.79 -11.88 21.63
N GLU C 27 -24.68 -11.42 22.52
CA GLU C 27 -25.95 -10.88 22.07
C GLU C 27 -25.74 -9.64 21.20
N TRP C 28 -24.83 -8.77 21.62
CA TRP C 28 -24.58 -7.55 20.86
C TRP C 28 -24.08 -7.88 19.47
N ALA C 29 -23.16 -8.85 19.37
CA ALA C 29 -22.65 -9.24 18.06
C ALA C 29 -23.76 -9.83 17.20
N TYR C 30 -24.61 -10.68 17.80
CA TYR C 30 -25.72 -11.25 17.05
C TYR C 30 -26.62 -10.16 16.48
N CYS C 31 -27.02 -9.22 17.33
CA CYS C 31 -27.90 -8.14 16.89
C CYS C 31 -27.23 -7.30 15.81
N VAL C 32 -25.95 -6.97 16.00
CA VAL C 32 -25.26 -6.14 15.03
C VAL C 32 -25.19 -6.84 13.68
N ASP C 33 -24.87 -8.13 13.68
CA ASP C 33 -24.82 -8.87 12.43
C ASP C 33 -26.17 -8.86 11.76
N LEU C 34 -27.24 -9.15 12.51
CA LEU C 34 -28.55 -9.20 11.90
C LEU C 34 -28.93 -7.86 11.29
N HIS C 35 -28.71 -6.78 12.03
CA HIS C 35 -29.03 -5.45 11.53
C HIS C 35 -28.25 -5.14 10.26
N ASN C 36 -26.92 -5.33 10.32
CA ASN C 36 -26.10 -4.99 9.17
C ASN C 36 -26.52 -5.78 7.94
N LYS C 37 -26.85 -7.05 8.12
CA LYS C 37 -27.17 -7.86 6.95
C LYS C 37 -28.55 -7.52 6.41
N ILE C 38 -29.50 -7.14 7.26
CA ILE C 38 -30.81 -6.74 6.74
C ILE C 38 -30.70 -5.42 5.99
N ASN C 39 -29.86 -4.50 6.47
CA ASN C 39 -29.71 -3.23 5.76
C ASN C 39 -29.32 -3.47 4.30
N LEU C 40 -28.30 -4.29 4.08
CA LEU C 40 -27.91 -4.62 2.71
C LEU C 40 -28.93 -5.47 1.99
N CYS C 41 -29.90 -6.05 2.70
CA CYS C 41 -30.87 -6.91 2.05
C CYS C 41 -31.61 -6.15 0.97
N ASN C 42 -31.88 -6.84 -0.15
CA ASN C 42 -32.55 -6.25 -1.28
C ASN C 42 -33.94 -6.81 -1.53
N ASP C 43 -34.22 -8.03 -1.06
CA ASP C 43 -35.51 -8.66 -1.27
C ASP C 43 -36.31 -8.64 0.03
N PRO C 44 -37.56 -8.15 0.01
CA PRO C 44 -38.24 -7.83 1.27
C PRO C 44 -38.40 -8.97 2.26
N GLU C 45 -39.11 -10.04 1.89
CA GLU C 45 -39.57 -10.99 2.89
C GLU C 45 -38.42 -11.51 3.75
N LYS C 46 -37.23 -11.67 3.18
CA LYS C 46 -36.07 -12.03 4.00
C LYS C 46 -35.78 -10.95 5.04
N ALA C 47 -35.76 -9.69 4.62
CA ALA C 47 -35.59 -8.61 5.58
C ALA C 47 -36.67 -8.65 6.64
N GLN C 48 -37.89 -8.94 6.23
CA GLN C 48 -39.00 -9.01 7.17
C GLN C 48 -38.75 -10.07 8.22
N GLU C 49 -38.30 -11.25 7.80
CA GLU C 49 -38.10 -12.33 8.76
C GLU C 49 -36.94 -12.03 9.70
N MET C 50 -35.84 -11.45 9.20
CA MET C 50 -34.78 -11.06 10.13
C MET C 50 -35.28 -10.00 11.10
N LEU C 51 -36.13 -9.09 10.63
CA LEU C 51 -36.71 -8.09 11.52
C LEU C 51 -37.55 -8.77 12.60
N LEU C 52 -38.31 -9.78 12.22
CA LEU C 52 -39.08 -10.54 13.20
C LEU C 52 -38.17 -11.17 14.23
N ALA C 53 -37.05 -11.73 13.79
CA ALA C 53 -36.09 -12.31 14.72
C ALA C 53 -35.58 -11.25 15.69
N LEU C 54 -35.19 -10.09 15.17
CA LEU C 54 -34.78 -8.99 16.03
C LEU C 54 -35.85 -8.68 17.08
N LEU C 55 -37.08 -8.47 16.62
CA LEU C 55 -38.15 -8.08 17.53
C LEU C 55 -38.35 -9.14 18.60
N ALA C 56 -38.32 -10.42 18.20
CA ALA C 56 -38.44 -11.49 19.18
C ALA C 56 -37.32 -11.40 20.21
N PHE C 57 -36.09 -11.16 19.76
CA PHE C 57 -34.99 -11.04 20.71
C PHE C 57 -35.22 -9.88 21.67
N PHE C 58 -35.61 -8.72 21.13
CA PHE C 58 -35.80 -7.56 21.99
C PHE C 58 -36.88 -7.81 23.04
N LEU C 59 -38.00 -8.39 22.61
CA LEU C 59 -39.10 -8.65 23.54
C LEU C 59 -38.66 -9.51 24.72
N SER C 60 -37.63 -10.34 24.52
CA SER C 60 -37.14 -11.16 25.63
C SER C 60 -36.66 -10.29 26.78
N LYS C 61 -35.92 -9.23 26.47
CA LYS C 61 -35.40 -8.33 27.49
C LYS C 61 -36.36 -7.21 27.83
N ASN C 62 -37.51 -7.14 27.17
CA ASN C 62 -38.48 -6.07 27.39
C ASN C 62 -37.86 -4.72 27.01
ZN ZN F . 23.25 5.41 -1.15
ZN ZN G . 13.78 23.77 5.40
#